data_4CVX
#
_entry.id   4CVX
#
_cell.length_a   173.850
_cell.length_b   173.850
_cell.length_c   87.510
_cell.angle_alpha   90.00
_cell.angle_beta   90.00
_cell.angle_gamma   120.00
#
_symmetry.space_group_name_H-M   'P 65'
#
loop_
_entity.id
_entity.type
_entity.pdbx_description
1 polymer 'MHC CLASS I ALPHA CHAIN 2'
2 polymer BETA-2-MICROGLOBULIN
3 polymer SELF-PEPTIDE
4 water water
#
loop_
_entity_poly.entity_id
_entity_poly.type
_entity_poly.pdbx_seq_one_letter_code
_entity_poly.pdbx_strand_id
1 'polypeptide(L)'
;ELHTLRYIRTAMTDPGPGLPWYVDVGYVDGELFVHYNSTARRYVPRTEWIAAKADQQYWDGQTQIGQGNEQIDRENLGIL
QRRYNQTGGSHTVQWMYGCDILEGGPIRGYYQMAYDGRDFTAFDKGTMTFTAAVPEAVPTKRKWEEGDYAEGLKQYLEET
CVEWLRRYVEYGKAELGRRERPEVRVWGKEADGILTLSCRAHGFYPRPIVVSWLKDGAVRGQDAHSGGIVPNGDGTYHTW
VTIDAQPGDGDKYQCRVEHASLPQPGLYSWEPRSGGGLNDIFEAQKIEWHENSSSVDKLAAALEHHHHHH
;
A,D
2 'polypeptide(L)'
;DLTPKVQVYSRFPASAGTKNVLNCFAAGFHPPKISITLMKDGVPMEGAQYSDMSFNDDWTFQRLVHADFTPSSGSTYACK
VEHETLKEPQVYKWDPEF
;
B,E
3 'polypeptide(L)' YPYLGPNTL C,F
#
# COMPACT_ATOMS: atom_id res chain seq x y z
N GLU A 1 -34.99 12.13 -10.34
CA GLU A 1 -34.03 12.53 -11.42
C GLU A 1 -32.58 12.61 -10.91
N LEU A 2 -32.23 13.73 -10.28
CA LEU A 2 -30.84 13.98 -9.90
C LEU A 2 -30.54 13.45 -8.50
N HIS A 3 -29.65 12.47 -8.42
CA HIS A 3 -29.17 11.93 -7.15
C HIS A 3 -27.65 12.01 -7.12
N THR A 4 -27.10 12.46 -5.99
CA THR A 4 -25.65 12.69 -5.85
C THR A 4 -25.08 11.97 -4.63
N LEU A 5 -23.99 11.23 -4.84
CA LEU A 5 -23.25 10.58 -3.76
C LEU A 5 -21.90 11.28 -3.62
N ARG A 6 -21.52 11.61 -2.39
CA ARG A 6 -20.28 12.33 -2.12
C ARG A 6 -19.66 11.87 -0.81
N TYR A 7 -18.38 11.46 -0.88
CA TYR A 7 -17.61 11.12 0.31
C TYR A 7 -16.51 12.15 0.52
N ILE A 8 -16.23 12.46 1.78
CA ILE A 8 -15.35 13.58 2.13
C ILE A 8 -14.52 13.26 3.37
N ARG A 9 -13.22 13.54 3.30
CA ARG A 9 -12.29 13.29 4.41
C ARG A 9 -11.66 14.59 4.91
N THR A 10 -11.16 14.57 6.14
CA THR A 10 -10.44 15.71 6.71
C THR A 10 -9.40 15.24 7.73
N ALA A 11 -8.16 15.09 7.28
CA ALA A 11 -7.05 14.74 8.17
C ALA A 11 -6.33 16.01 8.58
N MET A 12 -6.18 16.21 9.90
CA MET A 12 -5.64 17.44 10.45
C MET A 12 -4.46 17.18 11.38
N THR A 13 -3.49 18.09 11.37
CA THR A 13 -2.36 18.04 12.31
C THR A 13 -2.78 18.62 13.66
N ASP A 14 -3.42 19.79 13.62
CA ASP A 14 -3.90 20.47 14.81
C ASP A 14 -5.43 20.61 14.74
N PRO A 15 -6.16 19.55 15.15
CA PRO A 15 -7.63 19.57 15.11
C PRO A 15 -8.26 20.39 16.23
N GLY A 16 -7.62 20.40 17.40
CA GLY A 16 -8.11 21.14 18.57
C GLY A 16 -8.10 20.28 19.82
N PRO A 17 -8.42 20.90 20.98
CA PRO A 17 -8.44 20.19 22.25
C PRO A 17 -9.69 19.32 22.41
N GLY A 18 -9.49 18.01 22.59
CA GLY A 18 -10.60 17.07 22.74
C GLY A 18 -11.38 16.83 21.46
N LEU A 19 -10.69 16.95 20.32
CA LEU A 19 -11.30 16.72 19.01
C LEU A 19 -10.48 15.70 18.22
N PRO A 20 -11.14 14.98 17.30
CA PRO A 20 -10.44 13.98 16.48
C PRO A 20 -9.63 14.60 15.34
N TRP A 21 -8.51 13.97 15.02
CA TRP A 21 -7.62 14.46 13.96
C TRP A 21 -8.10 14.07 12.56
N TYR A 22 -8.69 12.88 12.44
CA TYR A 22 -9.20 12.38 11.16
C TYR A 22 -10.70 12.14 11.24
N VAL A 23 -11.43 12.56 10.20
CA VAL A 23 -12.86 12.31 10.09
C VAL A 23 -13.23 12.02 8.63
N ASP A 24 -14.00 10.96 8.42
CA ASP A 24 -14.49 10.59 7.08
C ASP A 24 -16.01 10.58 7.11
N VAL A 25 -16.61 11.28 6.14
CA VAL A 25 -18.07 11.49 6.11
C VAL A 25 -18.62 11.24 4.71
N GLY A 26 -19.89 10.83 4.65
CA GLY A 26 -20.58 10.57 3.38
C GLY A 26 -21.88 11.35 3.28
N TYR A 27 -22.31 11.65 2.05
CA TYR A 27 -23.53 12.41 1.80
C TYR A 27 -24.31 11.85 0.60
N VAL A 28 -25.61 11.70 0.77
CA VAL A 28 -26.51 11.28 -0.31
C VAL A 28 -27.55 12.37 -0.56
N ASP A 29 -27.58 12.91 -1.79
CA ASP A 29 -28.50 13.99 -2.16
C ASP A 29 -28.37 15.22 -1.25
N GLY A 30 -27.13 15.52 -0.87
CA GLY A 30 -26.86 16.67 0.01
C GLY A 30 -27.37 16.48 1.42
N GLU A 31 -27.40 15.24 1.90
CA GLU A 31 -27.85 14.93 3.25
C GLU A 31 -26.91 13.92 3.92
N LEU A 32 -26.50 14.22 5.15
CA LEU A 32 -25.59 13.36 5.90
C LEU A 32 -26.28 12.06 6.29
N PHE A 33 -25.69 10.93 5.90
CA PHE A 33 -26.23 9.60 6.19
C PHE A 33 -25.22 8.66 6.85
N VAL A 34 -23.92 8.85 6.58
CA VAL A 34 -22.87 7.99 7.11
C VAL A 34 -21.73 8.83 7.70
N HIS A 35 -21.16 8.37 8.82
CA HIS A 35 -20.09 9.09 9.52
C HIS A 35 -19.05 8.13 10.08
N TYR A 36 -17.78 8.54 10.02
CA TYR A 36 -16.66 7.80 10.61
C TYR A 36 -15.80 8.74 11.45
N ASN A 37 -15.15 8.18 12.48
CA ASN A 37 -14.31 8.96 13.38
C ASN A 37 -13.02 8.23 13.73
N SER A 38 -11.97 9.00 14.01
CA SER A 38 -10.67 8.44 14.40
C SER A 38 -10.67 7.91 15.83
N THR A 39 -11.45 8.55 16.70
CA THR A 39 -11.58 8.12 18.09
C THR A 39 -12.44 6.85 18.20
N ALA A 40 -13.59 6.87 17.53
CA ALA A 40 -14.51 5.73 17.53
C ALA A 40 -13.99 4.56 16.69
N ARG A 41 -13.34 4.88 15.57
CA ARG A 41 -12.76 3.89 14.65
C ARG A 41 -13.78 2.95 13.99
N ARG A 42 -15.05 3.36 13.96
CA ARG A 42 -16.09 2.58 13.29
C ARG A 42 -17.11 3.50 12.58
N TYR A 43 -17.58 3.06 11.42
CA TYR A 43 -18.61 3.79 10.67
C TYR A 43 -19.96 3.67 11.37
N VAL A 44 -20.69 4.77 11.45
CA VAL A 44 -22.00 4.81 12.11
C VAL A 44 -23.03 5.56 11.27
N PRO A 45 -24.31 5.18 11.38
CA PRO A 45 -25.37 5.83 10.61
C PRO A 45 -25.89 7.10 11.27
N ARG A 46 -26.23 8.10 10.45
CA ARG A 46 -26.86 9.33 10.95
C ARG A 46 -28.36 9.33 10.68
N THR A 47 -28.77 8.77 9.54
CA THR A 47 -30.18 8.66 9.18
C THR A 47 -30.77 7.31 9.58
N GLU A 48 -32.10 7.21 9.53
CA GLU A 48 -32.82 6.02 9.96
C GLU A 48 -32.78 4.90 8.90
N TRP A 49 -32.98 5.28 7.65
CA TRP A 49 -33.09 4.30 6.55
C TRP A 49 -31.83 3.49 6.29
N ILE A 50 -30.67 4.14 6.35
CA ILE A 50 -29.39 3.46 6.19
C ILE A 50 -29.09 2.54 7.38
N ALA A 51 -29.50 2.95 8.57
CA ALA A 51 -29.33 2.14 9.78
C ALA A 51 -30.27 0.93 9.78
N ALA A 52 -31.52 1.16 9.39
CA ALA A 52 -32.54 0.12 9.37
C ALA A 52 -32.30 -0.91 8.26
N LYS A 53 -31.96 -0.42 7.07
CA LYS A 53 -31.84 -1.28 5.88
C LYS A 53 -30.38 -1.54 5.51
N ALA A 54 -29.64 -2.14 6.44
CA ALA A 54 -28.24 -2.52 6.20
C ALA A 54 -27.81 -3.62 7.17
N ASP A 55 -27.07 -4.60 6.64
CA ASP A 55 -26.60 -5.74 7.43
C ASP A 55 -25.28 -5.42 8.12
N GLN A 56 -24.79 -6.36 8.92
CA GLN A 56 -23.55 -6.16 9.69
C GLN A 56 -22.30 -6.20 8.80
N GLN A 57 -22.33 -7.04 7.77
CA GLN A 57 -21.18 -7.15 6.84
C GLN A 57 -20.97 -5.87 6.05
N TYR A 58 -22.03 -5.10 5.85
CA TYR A 58 -21.94 -3.79 5.21
C TYR A 58 -21.12 -2.83 6.08
N TRP A 59 -21.44 -2.78 7.38
CA TRP A 59 -20.74 -1.90 8.32
C TRP A 59 -19.32 -2.38 8.60
N ASP A 60 -19.16 -3.69 8.80
CA ASP A 60 -17.85 -4.28 9.09
C ASP A 60 -16.88 -4.11 7.91
N GLY A 61 -17.38 -4.34 6.70
CA GLY A 61 -16.59 -4.14 5.49
C GLY A 61 -16.26 -2.68 5.24
N GLN A 62 -17.22 -1.80 5.54
CA GLN A 62 -17.01 -0.36 5.40
C GLN A 62 -16.06 0.18 6.47
N THR A 63 -16.12 -0.38 7.68
CA THR A 63 -15.22 -0.01 8.77
C THR A 63 -13.77 -0.36 8.44
N GLN A 64 -13.56 -1.50 7.80
CA GLN A 64 -12.22 -1.93 7.39
C GLN A 64 -11.60 -0.94 6.39
N ILE A 65 -12.45 -0.34 5.55
CA ILE A 65 -11.99 0.70 4.62
C ILE A 65 -11.70 1.99 5.38
N GLY A 66 -12.56 2.33 6.34
CA GLY A 66 -12.38 3.53 7.16
C GLY A 66 -11.11 3.49 7.99
N GLN A 67 -10.85 2.34 8.62
CA GLN A 67 -9.61 2.14 9.37
C GLN A 67 -8.39 2.14 8.43
N GLY A 68 -8.59 1.65 7.21
CA GLY A 68 -7.58 1.76 6.17
C GLY A 68 -7.38 3.20 5.75
N ASN A 69 -8.48 3.86 5.36
CA ASN A 69 -8.46 5.27 4.95
C ASN A 69 -7.86 6.21 6.00
N GLU A 70 -7.97 5.83 7.27
CA GLU A 70 -7.35 6.59 8.36
C GLU A 70 -5.83 6.43 8.34
N GLN A 71 -5.35 5.23 8.05
CA GLN A 71 -3.92 4.91 8.12
C GLN A 71 -3.09 5.61 7.03
N ILE A 72 -3.61 5.66 5.80
CA ILE A 72 -2.87 6.29 4.70
C ILE A 72 -2.74 7.80 4.94
N ASP A 73 -3.81 8.40 5.45
CA ASP A 73 -3.83 9.84 5.74
C ASP A 73 -2.84 10.25 6.86
N ARG A 74 -2.55 9.32 7.76
CA ARG A 74 -1.49 9.54 8.76
C ARG A 74 -0.13 9.57 8.08
N GLU A 75 0.08 8.65 7.14
CA GLU A 75 1.33 8.61 6.37
C GLU A 75 1.45 9.81 5.45
N ASN A 76 0.35 10.17 4.79
CA ASN A 76 0.32 11.34 3.90
C ASN A 76 0.80 12.60 4.59
N LEU A 77 0.15 12.97 5.69
CA LEU A 77 0.51 14.16 6.46
C LEU A 77 2.02 14.26 6.67
N GLY A 78 2.65 13.15 7.04
CA GLY A 78 4.10 13.09 7.21
C GLY A 78 4.89 13.25 5.92
N ILE A 79 4.34 12.74 4.82
CA ILE A 79 4.98 12.84 3.51
C ILE A 79 5.04 14.28 3.00
N LEU A 80 3.93 15.02 3.13
CA LEU A 80 3.89 16.42 2.67
C LEU A 80 4.78 17.33 3.52
N GLN A 81 4.87 17.03 4.81
CA GLN A 81 5.75 17.77 5.72
C GLN A 81 7.21 17.75 5.26
N ARG A 82 7.66 16.58 4.80
CA ARG A 82 9.02 16.42 4.30
C ARG A 82 9.21 16.94 2.88
N ARG A 83 8.15 16.88 2.07
CA ARG A 83 8.20 17.35 0.69
C ARG A 83 8.26 18.87 0.63
N TYR A 84 7.45 19.53 1.45
CA TYR A 84 7.44 20.99 1.56
C TYR A 84 8.57 21.54 2.43
N ASN A 85 9.32 20.64 3.10
CA ASN A 85 10.37 21.02 4.04
C ASN A 85 9.84 21.85 5.19
N GLN A 86 8.78 21.34 5.83
CA GLN A 86 8.10 22.04 6.93
C GLN A 86 8.40 21.36 8.26
N THR A 87 8.62 22.18 9.29
CA THR A 87 8.86 21.67 10.65
C THR A 87 7.59 21.07 11.26
N GLY A 88 6.44 21.68 10.98
CA GLY A 88 5.15 21.22 11.50
C GLY A 88 4.10 22.31 11.42
N GLY A 89 3.33 22.46 12.50
CA GLY A 89 2.30 23.50 12.59
C GLY A 89 0.93 23.02 12.16
N SER A 90 0.02 23.97 11.95
CA SER A 90 -1.36 23.67 11.57
C SER A 90 -1.49 23.41 10.07
N HIS A 91 -1.45 22.14 9.69
CA HIS A 91 -1.67 21.71 8.31
C HIS A 91 -2.84 20.75 8.26
N THR A 92 -3.46 20.65 7.08
CA THR A 92 -4.62 19.78 6.90
C THR A 92 -4.67 19.18 5.49
N VAL A 93 -5.09 17.92 5.41
CA VAL A 93 -5.28 17.23 4.13
C VAL A 93 -6.76 16.98 3.91
N GLN A 94 -7.25 17.34 2.73
CA GLN A 94 -8.66 17.21 2.39
C GLN A 94 -8.83 16.31 1.17
N TRP A 95 -9.83 15.43 1.23
CA TRP A 95 -10.22 14.60 0.09
C TRP A 95 -11.69 14.84 -0.25
N MET A 96 -12.00 14.86 -1.54
CA MET A 96 -13.36 15.11 -2.00
C MET A 96 -13.62 14.32 -3.28
N TYR A 97 -14.37 13.23 -3.17
CA TYR A 97 -14.71 12.37 -4.30
C TYR A 97 -16.16 11.92 -4.24
N GLY A 98 -16.78 11.78 -5.41
CA GLY A 98 -18.19 11.38 -5.49
C GLY A 98 -18.63 11.00 -6.89
N CYS A 99 -19.94 10.89 -7.07
CA CYS A 99 -20.53 10.52 -8.36
C CYS A 99 -21.97 11.01 -8.46
N ASP A 100 -22.35 11.53 -9.64
CA ASP A 100 -23.70 12.01 -9.90
C ASP A 100 -24.40 11.13 -10.93
N ILE A 101 -25.70 10.90 -10.71
CA ILE A 101 -26.53 10.14 -11.65
C ILE A 101 -27.82 10.91 -11.96
N LEU A 102 -28.28 10.81 -13.20
CA LEU A 102 -29.55 11.42 -13.60
C LEU A 102 -30.62 10.31 -13.64
N GLU A 103 -31.21 10.03 -14.81
CA GLU A 103 -32.26 9.02 -14.89
C GLU A 103 -31.64 7.62 -14.95
N GLY A 104 -31.04 7.19 -13.84
CA GLY A 104 -30.37 5.89 -13.74
C GLY A 104 -28.89 5.96 -14.06
N GLY A 105 -28.56 6.45 -15.25
CA GLY A 105 -27.17 6.47 -15.71
C GLY A 105 -26.31 7.55 -15.07
N PRO A 106 -24.98 7.36 -15.06
CA PRO A 106 -24.05 8.33 -14.48
C PRO A 106 -23.75 9.49 -15.43
N ILE A 107 -23.54 10.68 -14.86
CA ILE A 107 -23.20 11.88 -15.65
C ILE A 107 -21.82 12.44 -15.28
N ARG A 108 -21.51 12.49 -13.99
CA ARG A 108 -20.23 13.02 -13.51
C ARG A 108 -19.53 12.04 -12.58
N GLY A 109 -18.20 12.13 -12.54
CA GLY A 109 -17.37 11.31 -11.67
C GLY A 109 -16.06 12.02 -11.35
N TYR A 110 -15.85 12.33 -10.07
CA TYR A 110 -14.70 13.15 -9.66
C TYR A 110 -13.95 12.55 -8.46
N TYR A 111 -12.68 12.91 -8.35
CA TYR A 111 -11.82 12.46 -7.27
C TYR A 111 -10.68 13.48 -7.06
N GLN A 112 -10.85 14.35 -6.07
CA GLN A 112 -9.97 15.50 -5.89
C GLN A 112 -9.28 15.49 -4.52
N MET A 113 -8.35 16.43 -4.34
CA MET A 113 -7.62 16.59 -3.08
C MET A 113 -7.07 18.00 -2.96
N ALA A 114 -7.04 18.51 -1.73
CA ALA A 114 -6.46 19.82 -1.44
C ALA A 114 -5.58 19.78 -0.18
N TYR A 115 -4.51 20.58 -0.18
CA TYR A 115 -3.61 20.68 0.96
C TYR A 115 -3.51 22.13 1.42
N ASP A 116 -3.79 22.36 2.70
CA ASP A 116 -3.76 23.70 3.30
C ASP A 116 -4.69 24.69 2.58
N GLY A 117 -5.92 24.24 2.31
CA GLY A 117 -6.93 25.09 1.67
C GLY A 117 -6.65 25.46 0.23
N ARG A 118 -5.87 24.63 -0.46
CA ARG A 118 -5.55 24.86 -1.88
C ARG A 118 -5.45 23.53 -2.62
N ASP A 119 -5.92 23.52 -3.87
CA ASP A 119 -5.98 22.30 -4.67
C ASP A 119 -4.60 21.66 -4.83
N PHE A 120 -4.54 20.34 -4.64
CA PHE A 120 -3.30 19.58 -4.75
C PHE A 120 -3.32 18.72 -6.02
N THR A 121 -4.32 17.85 -6.13
CA THR A 121 -4.48 16.98 -7.30
C THR A 121 -5.95 16.76 -7.64
N ALA A 122 -6.20 16.30 -8.87
CA ALA A 122 -7.56 16.01 -9.32
C ALA A 122 -7.54 14.98 -10.47
N PHE A 123 -8.39 13.96 -10.36
CA PHE A 123 -8.44 12.88 -11.35
C PHE A 123 -9.37 13.25 -12.50
N ASP A 124 -8.78 13.50 -13.68
CA ASP A 124 -9.56 13.73 -14.90
C ASP A 124 -9.85 12.36 -15.53
N LYS A 125 -11.11 11.95 -15.50
CA LYS A 125 -11.51 10.61 -15.94
C LYS A 125 -11.52 10.47 -17.47
N GLY A 126 -11.83 11.56 -18.16
CA GLY A 126 -11.89 11.54 -19.63
C GLY A 126 -10.53 11.31 -20.28
N THR A 127 -9.54 12.09 -19.86
CA THR A 127 -8.18 11.97 -20.38
C THR A 127 -7.39 10.84 -19.71
N MET A 128 -7.91 10.32 -18.59
CA MET A 128 -7.27 9.23 -17.84
C MET A 128 -5.91 9.64 -17.30
N THR A 129 -5.86 10.84 -16.71
CA THR A 129 -4.65 11.39 -16.11
C THR A 129 -4.97 12.29 -14.94
N PHE A 130 -4.08 12.30 -13.95
CA PHE A 130 -4.20 13.18 -12.78
C PHE A 130 -3.49 14.49 -13.08
N THR A 131 -4.01 15.60 -12.55
CA THR A 131 -3.45 16.92 -12.80
C THR A 131 -2.71 17.45 -11.57
N ALA A 132 -1.55 18.07 -11.80
CA ALA A 132 -0.75 18.66 -10.73
C ALA A 132 -0.96 20.17 -10.71
N ALA A 133 -1.78 20.63 -9.77
CA ALA A 133 -2.09 22.06 -9.63
C ALA A 133 -0.89 22.86 -9.10
N VAL A 134 -0.18 22.26 -8.15
CA VAL A 134 0.98 22.89 -7.51
C VAL A 134 2.26 22.11 -7.87
N PRO A 135 3.39 22.82 -8.06
CA PRO A 135 4.70 22.18 -8.30
C PRO A 135 5.08 21.08 -7.29
N GLU A 136 4.57 21.16 -6.07
CA GLU A 136 4.82 20.14 -5.04
C GLU A 136 3.99 18.87 -5.26
N ALA A 137 3.00 18.93 -6.15
CA ALA A 137 2.13 17.79 -6.45
C ALA A 137 2.54 17.05 -7.73
N VAL A 138 3.64 17.46 -8.35
CA VAL A 138 4.13 16.83 -9.57
C VAL A 138 4.64 15.41 -9.34
N PRO A 139 5.33 15.16 -8.20
CA PRO A 139 5.73 13.79 -7.88
C PRO A 139 4.56 12.82 -7.76
N THR A 140 3.48 13.26 -7.13
CA THR A 140 2.27 12.44 -6.96
C THR A 140 1.64 12.07 -8.30
N LYS A 141 1.69 12.99 -9.25
CA LYS A 141 1.17 12.75 -10.60
C LYS A 141 1.91 11.60 -11.30
N ARG A 142 3.24 11.54 -11.12
CA ARG A 142 4.05 10.48 -11.71
C ARG A 142 3.83 9.14 -11.01
N LYS A 143 3.71 9.19 -9.68
CA LYS A 143 3.45 8.00 -8.88
C LYS A 143 2.13 7.32 -9.26
N TRP A 144 1.07 8.13 -9.34
CA TRP A 144 -0.28 7.62 -9.56
C TRP A 144 -0.56 7.25 -11.02
N GLU A 145 0.31 7.65 -11.93
CA GLU A 145 0.18 7.30 -13.35
C GLU A 145 0.95 6.02 -13.71
N GLU A 146 2.12 5.84 -13.11
CA GLU A 146 2.92 4.63 -13.32
C GLU A 146 2.16 3.39 -12.86
N GLY A 147 1.77 3.39 -11.58
CA GLY A 147 0.85 2.38 -11.07
C GLY A 147 -0.57 2.80 -11.41
N ASP A 148 -1.19 2.10 -12.36
CA ASP A 148 -2.51 2.49 -12.87
C ASP A 148 -3.63 2.38 -11.82
N TYR A 149 -3.71 3.42 -10.98
CA TYR A 149 -4.83 3.57 -10.05
C TYR A 149 -6.02 4.21 -10.77
N ALA A 150 -5.74 4.78 -11.95
CA ALA A 150 -6.76 5.40 -12.78
C ALA A 150 -7.78 4.38 -13.31
N GLU A 151 -7.32 3.15 -13.57
CA GLU A 151 -8.20 2.05 -13.96
C GLU A 151 -9.10 1.65 -12.79
N GLY A 152 -8.54 1.67 -11.58
CA GLY A 152 -9.29 1.35 -10.37
C GLY A 152 -10.34 2.39 -10.02
N LEU A 153 -10.01 3.66 -10.24
CA LEU A 153 -10.93 4.76 -9.97
C LEU A 153 -12.10 4.78 -10.97
N LYS A 154 -11.82 4.53 -12.24
CA LYS A 154 -12.86 4.46 -13.27
C LYS A 154 -13.86 3.34 -12.96
N GLN A 155 -13.35 2.21 -12.50
CA GLN A 155 -14.20 1.10 -12.05
C GLN A 155 -15.08 1.51 -10.88
N TYR A 156 -14.53 2.26 -9.94
CA TYR A 156 -15.26 2.71 -8.77
C TYR A 156 -16.32 3.75 -9.11
N LEU A 157 -15.91 4.80 -9.81
CA LEU A 157 -16.78 5.95 -10.09
C LEU A 157 -17.97 5.61 -10.99
N GLU A 158 -17.74 4.77 -12.00
CA GLU A 158 -18.78 4.43 -12.97
C GLU A 158 -19.65 3.25 -12.55
N GLU A 159 -19.04 2.21 -12.00
CA GLU A 159 -19.75 0.96 -11.69
C GLU A 159 -20.11 0.83 -10.20
N THR A 160 -19.09 0.87 -9.34
CA THR A 160 -19.30 0.65 -7.90
C THR A 160 -20.13 1.75 -7.26
N CYS A 161 -19.72 3.00 -7.47
CA CYS A 161 -20.40 4.17 -6.90
C CYS A 161 -21.89 4.21 -7.26
N VAL A 162 -22.18 3.91 -8.53
CA VAL A 162 -23.54 4.01 -9.06
C VAL A 162 -24.46 2.92 -8.51
N GLU A 163 -23.97 1.68 -8.46
CA GLU A 163 -24.75 0.55 -7.94
C GLU A 163 -25.15 0.75 -6.48
N TRP A 164 -24.23 1.26 -5.68
CA TRP A 164 -24.51 1.57 -4.27
C TRP A 164 -25.47 2.75 -4.13
N LEU A 165 -25.29 3.77 -4.98
CA LEU A 165 -26.13 4.96 -4.93
C LEU A 165 -27.59 4.64 -5.23
N ARG A 166 -27.83 3.84 -6.28
CA ARG A 166 -29.20 3.40 -6.61
C ARG A 166 -29.86 2.67 -5.45
N ARG A 167 -29.07 1.89 -4.71
CA ARG A 167 -29.57 1.19 -3.52
C ARG A 167 -29.89 2.16 -2.38
N TYR A 168 -29.02 3.16 -2.17
CA TYR A 168 -29.23 4.15 -1.11
C TYR A 168 -30.50 4.98 -1.34
N VAL A 169 -30.76 5.32 -2.61
CA VAL A 169 -31.95 6.09 -2.97
C VAL A 169 -33.22 5.26 -2.75
N GLU A 170 -33.15 3.96 -3.05
CA GLU A 170 -34.28 3.05 -2.87
C GLU A 170 -34.61 2.84 -1.40
N TYR A 171 -33.59 2.86 -0.53
CA TYR A 171 -33.80 2.71 0.91
C TYR A 171 -34.49 3.95 1.49
N GLY A 172 -33.93 5.12 1.22
CA GLY A 172 -34.45 6.39 1.73
C GLY A 172 -35.27 7.17 0.72
N LYS A 173 -36.04 6.47 -0.11
CA LYS A 173 -36.89 7.11 -1.11
C LYS A 173 -37.94 8.01 -0.46
N ALA A 174 -38.50 7.54 0.65
CA ALA A 174 -39.51 8.30 1.41
C ALA A 174 -38.88 9.47 2.16
N GLU A 175 -37.69 9.26 2.73
CA GLU A 175 -37.01 10.28 3.56
C GLU A 175 -36.29 11.33 2.71
N LEU A 176 -35.93 10.97 1.48
CA LEU A 176 -35.33 11.91 0.54
C LEU A 176 -36.41 12.59 -0.31
N GLY A 177 -37.48 11.84 -0.60
CA GLY A 177 -38.59 12.36 -1.41
C GLY A 177 -39.63 13.18 -0.65
N ARG A 178 -39.48 13.28 0.67
CA ARG A 178 -40.43 14.05 1.49
C ARG A 178 -40.31 15.57 1.24
N ARG A 179 -41.31 16.30 1.73
CA ARG A 179 -41.33 17.76 1.64
C ARG A 179 -41.86 18.37 2.95
N GLU A 180 -41.09 19.30 3.51
CA GLU A 180 -41.49 20.00 4.74
C GLU A 180 -41.68 21.49 4.46
N ARG A 181 -42.68 22.08 5.09
CA ARG A 181 -43.10 23.45 4.80
C ARG A 181 -42.45 24.45 5.76
N PRO A 182 -41.96 25.59 5.24
CA PRO A 182 -41.25 26.58 6.06
C PRO A 182 -42.18 27.39 6.95
N GLU A 183 -41.83 27.50 8.23
CA GLU A 183 -42.53 28.40 9.15
C GLU A 183 -41.91 29.79 9.01
N VAL A 184 -42.67 30.71 8.44
CA VAL A 184 -42.16 32.03 8.06
C VAL A 184 -42.67 33.11 9.01
N ARG A 185 -41.76 34.01 9.39
CA ARG A 185 -42.10 35.13 10.28
C ARG A 185 -41.43 36.42 9.81
N VAL A 186 -42.24 37.46 9.66
CA VAL A 186 -41.77 38.78 9.19
C VAL A 186 -41.61 39.71 10.38
N TRP A 187 -40.52 40.48 10.39
CA TRP A 187 -40.19 41.36 11.52
C TRP A 187 -39.30 42.53 11.08
N GLY A 188 -39.45 43.67 11.76
CA GLY A 188 -38.69 44.88 11.42
C GLY A 188 -38.37 45.74 12.63
N LYS A 189 -37.26 46.47 12.54
CA LYS A 189 -36.80 47.35 13.63
C LYS A 189 -36.11 48.60 13.09
N GLU A 190 -36.19 49.68 13.86
CA GLU A 190 -35.52 50.94 13.54
C GLU A 190 -34.05 50.85 13.95
N ALA A 191 -33.15 51.14 13.01
CA ALA A 191 -31.71 51.08 13.26
C ALA A 191 -31.15 52.46 13.62
N ASP A 192 -31.15 53.37 12.65
CA ASP A 192 -30.68 54.74 12.85
C ASP A 192 -31.38 55.66 11.84
N GLY A 193 -32.70 55.73 11.95
CA GLY A 193 -33.52 56.48 11.01
C GLY A 193 -33.98 55.63 9.82
N ILE A 194 -33.56 54.37 9.79
CA ILE A 194 -33.84 53.46 8.69
C ILE A 194 -34.52 52.20 9.23
N LEU A 195 -35.67 51.85 8.68
CA LEU A 195 -36.36 50.61 9.04
C LEU A 195 -35.72 49.43 8.33
N THR A 196 -35.46 48.36 9.08
CA THR A 196 -34.79 47.17 8.55
C THR A 196 -35.68 45.94 8.74
N LEU A 197 -36.48 45.62 7.72
CA LEU A 197 -37.37 44.45 7.75
C LEU A 197 -36.55 43.18 7.52
N SER A 198 -37.09 42.05 7.96
CA SER A 198 -36.39 40.76 7.86
C SER A 198 -37.35 39.58 7.82
N CYS A 199 -37.27 38.81 6.73
CA CYS A 199 -38.03 37.58 6.58
C CYS A 199 -37.18 36.42 7.03
N ARG A 200 -37.79 35.43 7.69
CA ARG A 200 -37.04 34.33 8.30
C ARG A 200 -37.80 33.00 8.21
N ALA A 201 -37.48 32.20 7.19
CA ALA A 201 -38.03 30.86 7.05
C ALA A 201 -37.25 29.91 7.94
N HIS A 202 -37.97 29.12 8.75
CA HIS A 202 -37.33 28.32 9.80
C HIS A 202 -36.96 26.90 9.36
N GLY A 203 -37.94 25.98 9.37
CA GLY A 203 -37.68 24.55 9.11
C GLY A 203 -38.34 24.08 7.83
N PHE A 204 -37.52 23.70 6.84
CA PHE A 204 -38.03 23.23 5.55
C PHE A 204 -37.10 22.23 4.86
N TYR A 205 -37.67 21.49 3.92
CA TYR A 205 -36.94 20.49 3.14
C TYR A 205 -37.70 20.25 1.83
N PRO A 206 -36.98 20.09 0.70
CA PRO A 206 -35.52 20.09 0.46
C PRO A 206 -34.83 21.44 0.64
N ARG A 207 -33.53 21.47 0.33
CA ARG A 207 -32.68 22.64 0.57
C ARG A 207 -33.04 23.87 -0.27
N PRO A 208 -33.00 23.76 -1.62
CA PRO A 208 -33.10 24.97 -2.43
C PRO A 208 -34.46 25.68 -2.30
N ILE A 209 -34.44 26.88 -1.73
CA ILE A 209 -35.64 27.69 -1.55
C ILE A 209 -35.36 29.12 -2.00
N VAL A 210 -36.37 29.78 -2.56
CA VAL A 210 -36.23 31.14 -3.06
C VAL A 210 -37.04 32.10 -2.19
N VAL A 211 -36.33 32.98 -1.46
CA VAL A 211 -36.96 33.99 -0.61
C VAL A 211 -36.50 35.39 -1.05
N SER A 212 -37.46 36.27 -1.30
CA SER A 212 -37.19 37.61 -1.78
C SER A 212 -38.20 38.63 -1.29
N TRP A 213 -37.84 39.91 -1.39
CA TRP A 213 -38.70 41.02 -0.96
C TRP A 213 -39.40 41.66 -2.16
N LEU A 214 -40.70 41.95 -1.99
CA LEU A 214 -41.52 42.52 -3.05
C LEU A 214 -42.09 43.89 -2.65
N LYS A 215 -41.55 44.95 -3.24
CA LYS A 215 -42.04 46.31 -3.00
C LYS A 215 -43.12 46.68 -4.02
N ASP A 216 -44.33 46.94 -3.53
CA ASP A 216 -45.47 47.31 -4.37
C ASP A 216 -45.75 46.27 -5.47
N GLY A 217 -45.68 45.00 -5.11
CA GLY A 217 -45.89 43.91 -6.06
C GLY A 217 -44.80 43.82 -7.12
N ALA A 218 -43.58 44.15 -6.74
CA ALA A 218 -42.43 44.11 -7.65
C ALA A 218 -41.18 43.67 -6.89
N VAL A 219 -40.45 42.72 -7.45
CA VAL A 219 -39.29 42.12 -6.79
C VAL A 219 -38.13 43.12 -6.70
N ARG A 220 -37.70 43.41 -5.48
CA ARG A 220 -36.59 44.33 -5.23
C ARG A 220 -35.36 43.56 -4.77
N GLY A 221 -34.41 43.38 -5.69
CA GLY A 221 -33.14 42.74 -5.38
C GLY A 221 -32.01 43.71 -5.08
N GLN A 222 -32.33 45.00 -4.96
CA GLN A 222 -31.28 46.01 -4.78
C GLN A 222 -30.65 46.03 -3.36
N ASP A 223 -31.38 46.57 -2.38
CA ASP A 223 -30.89 46.72 -0.98
C ASP A 223 -31.06 45.46 -0.11
N ALA A 224 -31.33 44.33 -0.75
CA ALA A 224 -31.59 43.08 -0.05
C ALA A 224 -30.29 42.40 0.36
N HIS A 225 -30.27 41.91 1.61
CA HIS A 225 -29.12 41.18 2.14
C HIS A 225 -29.55 39.79 2.57
N SER A 226 -28.86 38.77 2.06
CA SER A 226 -29.17 37.38 2.36
C SER A 226 -27.96 36.65 2.96
N GLY A 227 -28.23 35.75 3.90
CA GLY A 227 -27.19 34.96 4.53
C GLY A 227 -27.09 33.54 3.99
N GLY A 228 -27.68 33.31 2.82
CA GLY A 228 -27.67 31.99 2.19
C GLY A 228 -28.57 31.00 2.91
N ILE A 229 -28.47 29.73 2.52
CA ILE A 229 -29.22 28.65 3.15
C ILE A 229 -28.30 27.92 4.13
N VAL A 230 -28.76 27.74 5.36
CA VAL A 230 -27.97 27.13 6.43
C VAL A 230 -28.71 25.93 7.05
N PRO A 231 -27.96 24.91 7.49
CA PRO A 231 -28.57 23.68 7.98
C PRO A 231 -29.04 23.74 9.43
N ASN A 232 -29.87 22.77 9.82
CA ASN A 232 -30.31 22.61 11.20
C ASN A 232 -29.84 21.26 11.75
N GLY A 233 -30.09 21.02 13.03
CA GLY A 233 -29.65 19.80 13.71
C GLY A 233 -30.40 18.54 13.33
N ASP A 234 -31.67 18.69 12.92
CA ASP A 234 -32.53 17.53 12.65
C ASP A 234 -32.77 17.27 11.15
N GLY A 235 -31.74 17.49 10.34
CA GLY A 235 -31.79 17.19 8.90
C GLY A 235 -32.77 18.06 8.12
N THR A 236 -32.78 19.36 8.44
CA THR A 236 -33.62 20.33 7.73
C THR A 236 -32.84 21.63 7.55
N TYR A 237 -33.38 22.54 6.73
CA TYR A 237 -32.66 23.75 6.33
C TYR A 237 -33.35 25.04 6.76
N HIS A 238 -32.57 26.13 6.78
CA HIS A 238 -33.01 27.42 7.27
C HIS A 238 -32.41 28.52 6.40
N THR A 239 -33.16 29.60 6.18
CA THR A 239 -32.68 30.76 5.42
C THR A 239 -33.16 32.07 6.05
N TRP A 240 -32.55 33.17 5.61
CA TRP A 240 -32.85 34.49 6.16
C TRP A 240 -32.46 35.60 5.20
N VAL A 241 -33.38 36.53 4.97
CA VAL A 241 -33.11 37.72 4.16
C VAL A 241 -33.57 38.97 4.91
N THR A 242 -32.95 40.11 4.60
CA THR A 242 -33.34 41.39 5.20
C THR A 242 -33.22 42.53 4.19
N ILE A 243 -34.03 43.57 4.39
CA ILE A 243 -34.09 44.71 3.46
C ILE A 243 -34.09 46.03 4.24
N ASP A 244 -33.23 46.95 3.83
CA ASP A 244 -33.22 48.30 4.39
C ASP A 244 -34.25 49.14 3.65
N ALA A 245 -35.13 49.82 4.41
CA ALA A 245 -36.22 50.59 3.82
C ALA A 245 -36.51 51.85 4.63
N GLN A 246 -37.32 52.74 4.04
CA GLN A 246 -37.74 53.97 4.71
C GLN A 246 -38.72 53.64 5.84
N PRO A 247 -38.68 54.42 6.93
CA PRO A 247 -39.57 54.15 8.06
C PRO A 247 -41.00 54.56 7.77
N GLY A 248 -41.96 53.72 8.19
CA GLY A 248 -43.37 53.95 7.91
C GLY A 248 -43.90 53.05 6.80
N ASP A 249 -43.07 52.82 5.79
CA ASP A 249 -43.44 51.96 4.66
C ASP A 249 -43.36 50.49 5.07
N GLY A 250 -44.36 50.02 5.80
CA GLY A 250 -44.43 48.64 6.27
C GLY A 250 -45.32 47.77 5.40
N ASP A 251 -46.47 48.31 5.01
CA ASP A 251 -47.46 47.57 4.21
C ASP A 251 -47.05 47.42 2.74
N LYS A 252 -46.12 48.26 2.28
CA LYS A 252 -45.64 48.21 0.90
C LYS A 252 -44.85 46.93 0.60
N TYR A 253 -44.04 46.49 1.56
CA TYR A 253 -43.16 45.34 1.38
C TYR A 253 -43.86 44.02 1.68
N GLN A 254 -43.45 42.97 0.97
CA GLN A 254 -43.99 41.62 1.16
C GLN A 254 -42.91 40.56 0.91
N CYS A 255 -42.84 39.57 1.80
CA CYS A 255 -41.90 38.45 1.64
C CYS A 255 -42.56 37.31 0.89
N ARG A 256 -42.09 37.05 -0.33
CA ARG A 256 -42.56 35.92 -1.12
C ARG A 256 -41.65 34.70 -0.88
N VAL A 257 -42.26 33.54 -0.69
CA VAL A 257 -41.52 32.30 -0.44
C VAL A 257 -41.91 31.25 -1.49
N GLU A 258 -40.95 30.90 -2.34
CA GLU A 258 -41.16 29.87 -3.36
C GLU A 258 -40.41 28.60 -2.96
N HIS A 259 -41.14 27.49 -2.83
CA HIS A 259 -40.56 26.22 -2.37
C HIS A 259 -41.30 25.04 -3.00
N ALA A 260 -40.64 23.90 -3.07
CA ALA A 260 -41.21 22.68 -3.66
C ALA A 260 -42.41 22.16 -2.87
N SER A 261 -42.37 22.30 -1.55
CA SER A 261 -43.46 21.86 -0.68
C SER A 261 -44.75 22.64 -0.91
N LEU A 262 -44.63 23.94 -1.19
CA LEU A 262 -45.79 24.80 -1.43
C LEU A 262 -46.18 24.81 -2.91
N PRO A 263 -47.45 24.54 -3.22
CA PRO A 263 -47.90 24.59 -4.61
C PRO A 263 -48.00 26.02 -5.14
N GLN A 264 -48.52 26.93 -4.31
CA GLN A 264 -48.59 28.35 -4.64
C GLN A 264 -47.61 29.10 -3.74
N PRO A 265 -46.82 30.04 -4.29
CA PRO A 265 -45.86 30.77 -3.47
C PRO A 265 -46.54 31.70 -2.47
N GLY A 266 -46.34 31.43 -1.17
CA GLY A 266 -47.01 32.17 -0.11
C GLY A 266 -46.37 33.52 0.15
N LEU A 267 -47.20 34.57 0.22
CA LEU A 267 -46.74 35.91 0.56
C LEU A 267 -47.01 36.21 2.03
N TYR A 268 -46.10 36.95 2.67
CA TYR A 268 -46.22 37.30 4.08
C TYR A 268 -45.98 38.79 4.28
N SER A 269 -46.75 39.41 5.16
CA SER A 269 -46.64 40.85 5.46
C SER A 269 -46.40 41.07 6.95
N TRP A 270 -45.78 42.21 7.28
CA TRP A 270 -45.47 42.56 8.66
C TRP A 270 -46.72 43.13 9.34
N GLU A 271 -47.26 42.39 10.32
CA GLU A 271 -48.45 42.81 11.04
C GLU A 271 -48.12 43.29 12.47
N PRO A 272 -48.99 44.13 13.06
CA PRO A 272 -48.89 44.45 14.48
C PRO A 272 -49.81 43.60 15.34
N LEU B 2 -8.91 32.10 6.19
CA LEU B 2 -10.10 32.97 5.93
C LEU B 2 -10.94 33.13 7.19
N THR B 3 -11.55 34.30 7.36
CA THR B 3 -12.38 34.60 8.53
C THR B 3 -13.76 33.94 8.42
N PRO B 4 -14.29 33.40 9.53
CA PRO B 4 -15.56 32.70 9.50
C PRO B 4 -16.77 33.63 9.46
N LYS B 5 -17.75 33.30 8.62
CA LYS B 5 -19.00 34.06 8.53
C LYS B 5 -20.05 33.37 9.39
N VAL B 6 -20.32 33.96 10.56
CA VAL B 6 -21.14 33.32 11.58
C VAL B 6 -22.56 33.88 11.56
N GLN B 7 -23.54 33.01 11.81
CA GLN B 7 -24.95 33.40 11.86
C GLN B 7 -25.67 32.67 12.98
N VAL B 8 -26.22 33.42 13.93
CA VAL B 8 -26.96 32.85 15.05
C VAL B 8 -28.46 32.89 14.77
N TYR B 9 -29.15 31.77 15.02
CA TYR B 9 -30.58 31.66 14.75
C TYR B 9 -31.20 30.48 15.49
N SER B 10 -32.52 30.50 15.62
CA SER B 10 -33.25 29.44 16.30
C SER B 10 -33.85 28.46 15.31
N ARG B 11 -34.09 27.22 15.76
CA ARG B 11 -34.73 26.20 14.94
C ARG B 11 -36.20 26.54 14.69
N PHE B 12 -36.91 26.84 15.77
CA PHE B 12 -38.32 27.19 15.71
C PHE B 12 -38.51 28.68 16.02
N PRO B 13 -39.73 29.22 15.75
CA PRO B 13 -40.08 30.57 16.16
C PRO B 13 -39.77 30.88 17.62
N ALA B 14 -39.26 32.08 17.87
CA ALA B 14 -38.86 32.49 19.22
C ALA B 14 -40.07 32.80 20.10
N SER B 15 -40.70 31.75 20.62
CA SER B 15 -41.79 31.89 21.58
C SER B 15 -41.24 31.75 22.99
N ALA B 16 -41.59 32.70 23.86
CA ALA B 16 -41.07 32.73 25.23
C ALA B 16 -41.64 31.60 26.08
N GLY B 17 -40.75 30.87 26.76
CA GLY B 17 -41.14 29.77 27.62
C GLY B 17 -41.56 28.51 26.89
N THR B 18 -41.11 28.37 25.63
CA THR B 18 -41.45 27.22 24.79
C THR B 18 -40.17 26.50 24.36
N LYS B 19 -40.23 25.17 24.27
CA LYS B 19 -39.08 24.37 23.82
C LYS B 19 -38.57 24.84 22.46
N ASN B 20 -37.26 25.01 22.36
CA ASN B 20 -36.61 25.48 21.14
C ASN B 20 -35.17 24.97 21.07
N VAL B 21 -34.54 25.13 19.90
CA VAL B 21 -33.15 24.74 19.71
C VAL B 21 -32.36 25.89 19.09
N LEU B 22 -31.45 26.47 19.86
CA LEU B 22 -30.61 27.57 19.37
C LEU B 22 -29.50 27.01 18.50
N ASN B 23 -29.22 27.70 17.39
CA ASN B 23 -28.22 27.24 16.42
C ASN B 23 -27.18 28.32 16.13
N CYS B 24 -25.92 27.91 16.05
CA CYS B 24 -24.84 28.79 15.62
C CYS B 24 -24.09 28.12 14.46
N PHE B 25 -24.09 28.77 13.30
CA PHE B 25 -23.50 28.20 12.10
C PHE B 25 -22.41 29.10 11.52
N ALA B 26 -21.16 28.70 11.71
CA ALA B 26 -20.02 29.36 11.09
C ALA B 26 -19.66 28.64 9.79
N ALA B 27 -19.24 29.40 8.80
CA ALA B 27 -18.88 28.83 7.49
C ALA B 27 -17.94 29.73 6.71
N GLY B 28 -17.13 29.11 5.84
CA GLY B 28 -16.20 29.85 5.01
C GLY B 28 -14.95 30.29 5.76
N PHE B 29 -14.23 29.32 6.35
CA PHE B 29 -13.01 29.62 7.11
C PHE B 29 -11.93 28.56 6.93
N HIS B 30 -10.71 28.94 7.30
CA HIS B 30 -9.54 28.05 7.23
C HIS B 30 -8.43 28.63 8.12
N PRO B 31 -7.77 27.78 8.94
CA PRO B 31 -7.91 26.33 9.08
C PRO B 31 -9.18 25.91 9.84
N PRO B 32 -9.46 24.58 9.88
CA PRO B 32 -10.69 24.08 10.47
C PRO B 32 -10.78 24.16 12.00
N LYS B 33 -9.65 24.35 12.69
CA LYS B 33 -9.64 24.46 14.14
C LYS B 33 -10.39 25.71 14.61
N ILE B 34 -11.62 25.51 15.08
CA ILE B 34 -12.47 26.61 15.54
C ILE B 34 -13.20 26.22 16.83
N SER B 35 -13.35 27.18 17.73
CA SER B 35 -14.01 26.95 19.02
C SER B 35 -15.30 27.78 19.10
N ILE B 36 -16.41 27.16 18.72
CA ILE B 36 -17.72 27.80 18.75
C ILE B 36 -18.44 27.44 20.04
N THR B 37 -18.88 28.45 20.79
CA THR B 37 -19.59 28.25 22.06
C THR B 37 -20.81 29.15 22.13
N LEU B 38 -21.94 28.59 22.58
CA LEU B 38 -23.18 29.33 22.74
C LEU B 38 -23.31 29.73 24.21
N MET B 39 -23.62 30.99 24.46
CA MET B 39 -23.67 31.52 25.82
C MET B 39 -25.02 32.14 26.18
N LYS B 40 -25.42 31.93 27.43
CA LYS B 40 -26.63 32.54 27.99
C LYS B 40 -26.20 33.50 29.11
N ASP B 41 -26.28 34.79 28.81
CA ASP B 41 -25.89 35.86 29.76
C ASP B 41 -24.41 35.77 30.15
N GLY B 42 -23.55 35.62 29.15
CA GLY B 42 -22.10 35.53 29.38
C GLY B 42 -21.66 34.24 30.06
N VAL B 43 -22.47 33.20 29.95
CA VAL B 43 -22.15 31.89 30.54
C VAL B 43 -22.54 30.80 29.54
N PRO B 44 -21.61 29.87 29.24
CA PRO B 44 -21.89 28.76 28.32
C PRO B 44 -23.16 27.99 28.67
N MET B 45 -23.94 27.61 27.65
CA MET B 45 -25.20 26.92 27.86
C MET B 45 -24.96 25.46 28.27
N GLU B 46 -25.80 24.97 29.18
CA GLU B 46 -25.69 23.59 29.67
C GLU B 46 -26.18 22.60 28.62
N GLY B 47 -25.59 21.41 28.65
CA GLY B 47 -25.93 20.33 27.71
C GLY B 47 -25.14 20.44 26.41
N ALA B 48 -25.71 21.16 25.45
CA ALA B 48 -25.08 21.39 24.14
C ALA B 48 -24.99 20.14 23.27
N GLN B 49 -24.72 20.34 21.98
CA GLN B 49 -24.57 19.24 21.03
C GLN B 49 -23.77 19.71 19.81
N TYR B 50 -22.47 19.45 19.84
CA TYR B 50 -21.57 19.83 18.75
C TYR B 50 -21.78 18.89 17.55
N SER B 51 -22.38 19.41 16.49
CA SER B 51 -22.68 18.62 15.30
C SER B 51 -21.43 18.40 14.44
N ASP B 52 -21.58 17.57 13.41
CA ASP B 52 -20.45 17.21 12.54
C ASP B 52 -20.02 18.37 11.64
N MET B 53 -18.73 18.44 11.37
CA MET B 53 -18.15 19.47 10.51
C MET B 53 -18.03 19.00 9.06
N SER B 54 -17.81 19.94 8.16
CA SER B 54 -17.64 19.64 6.74
C SER B 54 -17.05 20.85 6.01
N PHE B 55 -16.80 20.69 4.71
CA PHE B 55 -16.37 21.81 3.86
C PHE B 55 -17.01 21.77 2.47
N ASN B 56 -17.13 22.94 1.85
CA ASN B 56 -17.86 23.11 0.60
C ASN B 56 -16.99 22.74 -0.62
N ASP B 57 -17.48 23.04 -1.82
CA ASP B 57 -16.77 22.71 -3.06
C ASP B 57 -15.43 23.42 -3.22
N ASP B 58 -15.30 24.61 -2.63
CA ASP B 58 -14.07 25.41 -2.73
C ASP B 58 -13.13 25.20 -1.53
N TRP B 59 -13.22 24.02 -0.90
CA TRP B 59 -12.31 23.63 0.18
C TRP B 59 -12.31 24.58 1.38
N THR B 60 -13.48 25.11 1.72
CA THR B 60 -13.62 26.03 2.85
C THR B 60 -14.60 25.43 3.88
N PHE B 61 -14.19 25.47 5.14
CA PHE B 61 -14.87 24.71 6.20
C PHE B 61 -16.15 25.37 6.73
N GLN B 62 -16.94 24.57 7.44
CA GLN B 62 -18.16 25.03 8.07
C GLN B 62 -18.59 24.06 9.19
N ARG B 63 -18.93 24.61 10.35
CA ARG B 63 -19.39 23.81 11.49
C ARG B 63 -20.72 24.33 12.03
N LEU B 64 -21.58 23.40 12.42
CA LEU B 64 -22.84 23.71 13.07
C LEU B 64 -22.78 23.29 14.54
N VAL B 65 -23.30 24.13 15.41
CA VAL B 65 -23.44 23.81 16.84
C VAL B 65 -24.85 24.18 17.28
N HIS B 66 -25.49 23.29 18.02
CA HIS B 66 -26.86 23.50 18.46
C HIS B 66 -27.13 22.90 19.85
N ALA B 67 -28.08 23.49 20.56
CA ALA B 67 -28.42 23.07 21.92
C ALA B 67 -29.91 23.25 22.20
N ASP B 68 -30.53 22.24 22.79
CA ASP B 68 -31.95 22.31 23.19
C ASP B 68 -32.07 23.19 24.42
N PHE B 69 -33.02 24.12 24.40
CA PHE B 69 -33.18 25.11 25.47
C PHE B 69 -34.58 25.71 25.52
N THR B 70 -34.80 26.60 26.49
CA THR B 70 -36.04 27.36 26.61
C THR B 70 -35.70 28.84 26.76
N PRO B 71 -36.11 29.69 25.79
CA PRO B 71 -35.77 31.11 25.85
C PRO B 71 -36.63 31.88 26.84
N SER B 72 -36.00 32.39 27.90
CA SER B 72 -36.69 33.22 28.89
C SER B 72 -36.53 34.70 28.54
N SER B 73 -37.48 35.52 29.00
CA SER B 73 -37.46 36.95 28.72
C SER B 73 -36.45 37.66 29.60
N GLY B 74 -35.65 38.54 28.97
CA GLY B 74 -34.61 39.28 29.69
C GLY B 74 -33.22 38.67 29.52
N SER B 75 -33.15 37.35 29.48
CA SER B 75 -31.89 36.63 29.30
C SER B 75 -31.34 36.83 27.89
N THR B 76 -30.07 37.24 27.81
CA THR B 76 -29.42 37.54 26.54
C THR B 76 -28.67 36.31 26.02
N TYR B 77 -28.89 35.97 24.77
CA TYR B 77 -28.24 34.83 24.13
C TYR B 77 -27.29 35.30 23.03
N ALA B 78 -26.16 34.61 22.90
CA ALA B 78 -25.16 34.94 21.89
C ALA B 78 -24.21 33.77 21.64
N CYS B 79 -23.48 33.84 20.53
CA CYS B 79 -22.55 32.79 20.13
C CYS B 79 -21.12 33.33 20.06
N LYS B 80 -20.27 32.91 21.00
CA LYS B 80 -18.86 33.28 20.99
C LYS B 80 -18.11 32.39 19.99
N VAL B 81 -17.20 33.00 19.23
CA VAL B 81 -16.40 32.29 18.25
C VAL B 81 -14.93 32.71 18.38
N GLU B 82 -14.06 31.71 18.56
CA GLU B 82 -12.61 31.95 18.65
C GLU B 82 -11.91 31.25 17.49
N HIS B 83 -11.21 32.02 16.67
CA HIS B 83 -10.48 31.49 15.50
C HIS B 83 -9.11 32.15 15.40
N GLU B 84 -8.20 31.48 14.68
CA GLU B 84 -6.83 31.97 14.52
C GLU B 84 -6.76 33.26 13.70
N THR B 85 -7.70 33.41 12.77
CA THR B 85 -7.74 34.58 11.88
C THR B 85 -8.29 35.83 12.56
N LEU B 86 -9.22 35.65 13.48
CA LEU B 86 -9.94 36.76 14.11
C LEU B 86 -9.11 37.58 15.10
N LYS B 87 -7.96 37.05 15.53
CA LYS B 87 -7.10 37.68 16.54
C LYS B 87 -7.77 37.73 17.90
N GLU B 88 -8.80 38.57 18.05
CA GLU B 88 -9.61 38.64 19.26
C GLU B 88 -10.96 37.97 19.02
N PRO B 89 -11.48 37.24 20.03
CA PRO B 89 -12.80 36.59 19.91
C PRO B 89 -13.94 37.52 19.48
N GLN B 90 -14.81 37.03 18.61
CA GLN B 90 -15.97 37.79 18.15
C GLN B 90 -17.26 37.16 18.69
N VAL B 91 -18.15 38.01 19.20
CA VAL B 91 -19.42 37.56 19.77
C VAL B 91 -20.58 37.95 18.85
N TYR B 92 -21.36 36.96 18.44
CA TYR B 92 -22.53 37.19 17.59
C TYR B 92 -23.80 37.01 18.41
N LYS B 93 -24.65 38.04 18.39
CA LYS B 93 -25.83 38.09 19.27
C LYS B 93 -27.07 37.51 18.61
N TRP B 94 -27.84 36.73 19.38
CA TRP B 94 -29.10 36.18 18.89
C TRP B 94 -30.20 37.23 19.02
N ASP B 95 -30.76 37.63 17.88
CA ASP B 95 -31.88 38.56 17.86
C ASP B 95 -33.17 37.77 17.72
N PRO B 96 -33.96 37.70 18.81
CA PRO B 96 -35.21 36.93 18.73
C PRO B 96 -36.27 37.73 17.98
N GLU B 97 -37.32 37.03 17.52
CA GLU B 97 -38.42 37.68 16.79
C GLU B 97 -37.94 38.37 15.51
N TYR C 1 -20.74 3.62 -0.64
CA TYR C 1 -19.60 2.78 -0.20
C TYR C 1 -18.28 3.47 -0.55
N PRO C 2 -17.42 3.75 0.45
CA PRO C 2 -16.15 4.43 0.18
C PRO C 2 -15.17 3.61 -0.65
N TYR C 3 -14.17 4.29 -1.22
CA TYR C 3 -13.13 3.66 -2.03
C TYR C 3 -11.87 3.41 -1.21
N LEU C 4 -11.45 2.16 -1.12
CA LEU C 4 -10.25 1.78 -0.39
C LEU C 4 -9.00 2.09 -1.23
N GLY C 5 -8.04 2.80 -0.62
CA GLY C 5 -6.80 3.13 -1.30
C GLY C 5 -6.91 4.43 -2.09
N PRO C 6 -6.22 4.50 -3.24
CA PRO C 6 -5.36 3.48 -3.85
C PRO C 6 -3.99 3.36 -3.20
N ASN C 7 -3.34 4.49 -2.92
CA ASN C 7 -1.98 4.50 -2.37
C ASN C 7 -1.65 5.84 -1.71
N THR C 8 -0.54 5.88 -0.97
CA THR C 8 -0.04 7.11 -0.36
C THR C 8 0.34 8.13 -1.45
N LEU C 9 0.05 9.40 -1.19
CA LEU C 9 0.43 10.46 -2.13
C LEU C 9 1.91 10.76 -2.02
N GLU D 1 28.70 -19.93 16.03
CA GLU D 1 29.19 -18.52 15.82
C GLU D 1 28.39 -17.80 14.73
N LEU D 2 28.74 -18.03 13.46
CA LEU D 2 28.16 -17.28 12.35
C LEU D 2 26.90 -17.95 11.81
N HIS D 3 25.77 -17.27 11.96
CA HIS D 3 24.49 -17.72 11.40
C HIS D 3 23.91 -16.62 10.52
N THR D 4 23.40 -17.01 9.35
CA THR D 4 22.93 -16.06 8.34
C THR D 4 21.51 -16.39 7.90
N LEU D 5 20.65 -15.37 7.91
CA LEU D 5 19.29 -15.49 7.36
C LEU D 5 19.20 -14.63 6.10
N ARG D 6 18.63 -15.19 5.04
CA ARG D 6 18.52 -14.50 3.76
C ARG D 6 17.23 -14.87 3.05
N TYR D 7 16.45 -13.85 2.68
CA TYR D 7 15.25 -14.04 1.87
C TYR D 7 15.46 -13.44 0.48
N ILE D 8 14.90 -14.10 -0.53
CA ILE D 8 15.20 -13.76 -1.92
C ILE D 8 13.95 -13.94 -2.80
N ARG D 9 13.68 -12.95 -3.66
CA ARG D 9 12.53 -12.99 -4.56
C ARG D 9 12.98 -12.95 -6.02
N THR D 10 12.10 -13.39 -6.92
CA THR D 10 12.35 -13.33 -8.36
C THR D 10 11.04 -13.19 -9.13
N ALA D 11 10.66 -11.96 -9.45
CA ALA D 11 9.48 -11.70 -10.28
C ALA D 11 9.92 -11.55 -11.73
N MET D 12 9.30 -12.32 -12.63
CA MET D 12 9.70 -12.38 -14.03
C MET D 12 8.53 -12.10 -14.97
N THR D 13 8.82 -11.44 -16.10
CA THR D 13 7.83 -11.23 -17.15
C THR D 13 7.71 -12.48 -18.01
N ASP D 14 8.86 -13.01 -18.42
CA ASP D 14 8.92 -14.22 -19.25
C ASP D 14 9.68 -15.32 -18.48
N PRO D 15 8.97 -16.05 -17.59
CA PRO D 15 9.60 -17.11 -16.80
C PRO D 15 9.87 -18.39 -17.60
N GLY D 16 8.99 -18.70 -18.55
CA GLY D 16 9.12 -19.89 -19.39
C GLY D 16 7.82 -20.66 -19.48
N PRO D 17 7.78 -21.71 -20.33
CA PRO D 17 6.58 -22.52 -20.51
C PRO D 17 6.36 -23.49 -19.34
N GLY D 18 5.22 -23.37 -18.68
CA GLY D 18 4.88 -24.22 -17.54
C GLY D 18 5.70 -23.93 -16.29
N LEU D 19 6.12 -22.66 -16.14
CA LEU D 19 6.89 -22.22 -14.98
C LEU D 19 6.22 -21.02 -14.32
N PRO D 20 6.44 -20.84 -13.01
CA PRO D 20 5.85 -19.70 -12.29
C PRO D 20 6.59 -18.39 -12.55
N TRP D 21 5.84 -17.29 -12.57
CA TRP D 21 6.41 -15.96 -12.82
C TRP D 21 7.07 -15.37 -11.57
N TYR D 22 6.48 -15.62 -10.40
CA TYR D 22 7.00 -15.12 -9.12
C TYR D 22 7.38 -16.27 -8.19
N VAL D 23 8.54 -16.14 -7.56
CA VAL D 23 9.00 -17.12 -6.56
C VAL D 23 9.71 -16.40 -5.41
N ASP D 24 9.33 -16.75 -4.18
CA ASP D 24 9.98 -16.19 -2.98
C ASP D 24 10.58 -17.33 -2.17
N VAL D 25 11.85 -17.19 -1.80
CA VAL D 25 12.61 -18.27 -1.17
C VAL D 25 13.39 -17.73 0.04
N GLY D 26 13.63 -18.60 1.02
CA GLY D 26 14.40 -18.26 2.21
C GLY D 26 15.56 -19.22 2.44
N TYR D 27 16.60 -18.73 3.11
CA TYR D 27 17.80 -19.53 3.39
C TYR D 27 18.34 -19.27 4.81
N VAL D 28 18.66 -20.34 5.52
CA VAL D 28 19.29 -20.26 6.84
C VAL D 28 20.66 -20.95 6.80
N ASP D 29 21.72 -20.20 7.10
CA ASP D 29 23.09 -20.70 7.07
C ASP D 29 23.48 -21.30 5.71
N GLY D 30 23.00 -20.66 4.64
CA GLY D 30 23.26 -21.12 3.27
C GLY D 30 22.59 -22.43 2.93
N GLU D 31 21.41 -22.68 3.52
CA GLU D 31 20.64 -23.90 3.26
C GLU D 31 19.16 -23.57 3.09
N LEU D 32 18.56 -24.10 2.03
CA LEU D 32 17.14 -23.86 1.73
C LEU D 32 16.25 -24.53 2.76
N PHE D 33 15.38 -23.74 3.40
CA PHE D 33 14.45 -24.25 4.42
C PHE D 33 12.98 -23.87 4.16
N VAL D 34 12.76 -22.74 3.49
CA VAL D 34 11.41 -22.24 3.21
C VAL D 34 11.26 -21.85 1.74
N HIS D 35 10.09 -22.14 1.16
CA HIS D 35 9.82 -21.87 -0.26
C HIS D 35 8.38 -21.39 -0.47
N TYR D 36 8.21 -20.44 -1.39
CA TYR D 36 6.90 -19.95 -1.80
C TYR D 36 6.80 -19.93 -3.32
N ASN D 37 5.58 -20.10 -3.84
CA ASN D 37 5.34 -20.13 -5.28
C ASN D 37 4.08 -19.36 -5.67
N SER D 38 4.08 -18.82 -6.89
CA SER D 38 2.93 -18.07 -7.41
C SER D 38 1.77 -18.99 -7.80
N THR D 39 2.10 -20.19 -8.26
CA THR D 39 1.10 -21.20 -8.62
C THR D 39 0.44 -21.78 -7.38
N ALA D 40 1.27 -22.20 -6.41
CA ALA D 40 0.79 -22.80 -5.18
C ALA D 40 0.18 -21.77 -4.24
N ARG D 41 0.75 -20.56 -4.23
CA ARG D 41 0.26 -19.45 -3.40
C ARG D 41 0.34 -19.69 -1.88
N ARG D 42 1.17 -20.64 -1.46
CA ARG D 42 1.40 -20.92 -0.04
C ARG D 42 2.86 -21.23 0.26
N TYR D 43 3.33 -20.79 1.42
CA TYR D 43 4.68 -21.12 1.88
C TYR D 43 4.74 -22.59 2.32
N VAL D 44 5.82 -23.27 1.93
CA VAL D 44 6.02 -24.68 2.26
C VAL D 44 7.45 -24.95 2.74
N PRO D 45 7.63 -25.94 3.63
CA PRO D 45 8.95 -26.26 4.16
C PRO D 45 9.74 -27.18 3.25
N ARG D 46 11.06 -26.97 3.20
CA ARG D 46 11.96 -27.86 2.45
C ARG D 46 12.72 -28.79 3.40
N THR D 47 13.06 -28.30 4.59
CA THR D 47 13.75 -29.10 5.60
C THR D 47 12.77 -29.70 6.60
N GLU D 48 13.25 -30.65 7.41
CA GLU D 48 12.43 -31.38 8.37
C GLU D 48 12.15 -30.56 9.63
N TRP D 49 13.18 -29.89 10.14
CA TRP D 49 13.09 -29.18 11.43
C TRP D 49 12.11 -28.01 11.42
N ILE D 50 12.11 -27.24 10.34
CA ILE D 50 11.16 -26.12 10.20
C ILE D 50 9.72 -26.63 10.03
N ALA D 51 9.56 -27.76 9.36
CA ALA D 51 8.25 -28.38 9.17
C ALA D 51 7.73 -28.97 10.48
N ALA D 52 8.61 -29.66 11.19
CA ALA D 52 8.26 -30.33 12.45
C ALA D 52 7.99 -29.34 13.58
N LYS D 53 8.85 -28.33 13.70
CA LYS D 53 8.81 -27.39 14.81
C LYS D 53 8.22 -26.04 14.40
N ALA D 54 6.98 -26.06 13.93
CA ALA D 54 6.26 -24.85 13.55
C ALA D 54 4.75 -25.07 13.56
N ASP D 55 4.01 -24.11 14.08
CA ASP D 55 2.55 -24.20 14.18
C ASP D 55 1.89 -23.70 12.90
N GLN D 56 0.55 -23.80 12.84
CA GLN D 56 -0.20 -23.40 11.65
C GLN D 56 -0.26 -21.88 11.48
N GLN D 57 -0.33 -21.15 12.59
CA GLN D 57 -0.39 -19.68 12.54
C GLN D 57 0.92 -19.06 12.00
N TYR D 58 2.03 -19.79 12.14
CA TYR D 58 3.29 -19.40 11.54
C TYR D 58 3.22 -19.44 10.02
N TRP D 59 2.70 -20.54 9.49
CA TRP D 59 2.56 -20.72 8.03
C TRP D 59 1.48 -19.81 7.44
N ASP D 60 0.34 -19.73 8.13
CA ASP D 60 -0.78 -18.90 7.67
C ASP D 60 -0.43 -17.41 7.66
N GLY D 61 0.26 -16.96 8.69
CA GLY D 61 0.74 -15.59 8.78
C GLY D 61 1.82 -15.29 7.75
N GLN D 62 2.70 -16.26 7.52
CA GLN D 62 3.76 -16.14 6.53
C GLN D 62 3.20 -16.17 5.10
N THR D 63 2.17 -16.98 4.89
CA THR D 63 1.50 -17.07 3.59
C THR D 63 0.82 -15.75 3.21
N GLN D 64 0.23 -15.07 4.20
CA GLN D 64 -0.40 -13.77 3.98
C GLN D 64 0.61 -12.71 3.51
N ILE D 65 1.85 -12.83 4.00
CA ILE D 65 2.94 -11.95 3.56
C ILE D 65 3.37 -12.34 2.14
N GLY D 66 3.46 -13.64 1.87
CA GLY D 66 3.84 -14.16 0.55
C GLY D 66 2.85 -13.76 -0.54
N GLN D 67 1.57 -13.90 -0.24
CA GLN D 67 0.51 -13.46 -1.15
C GLN D 67 0.52 -11.94 -1.32
N GLY D 68 0.90 -11.24 -0.26
CA GLY D 68 1.12 -9.79 -0.32
C GLY D 68 2.33 -9.48 -1.17
N ASN D 69 3.47 -10.07 -0.82
CA ASN D 69 4.73 -9.90 -1.55
C ASN D 69 4.63 -10.24 -3.04
N GLU D 70 3.71 -11.12 -3.40
CA GLU D 70 3.44 -11.44 -4.79
C GLU D 70 2.71 -10.29 -5.50
N GLN D 71 1.78 -9.65 -4.80
CA GLN D 71 0.94 -8.60 -5.39
C GLN D 71 1.70 -7.32 -5.73
N ILE D 72 2.62 -6.90 -4.85
CA ILE D 72 3.37 -5.66 -5.09
C ILE D 72 4.30 -5.84 -6.28
N ASP D 73 4.91 -7.03 -6.39
CA ASP D 73 5.83 -7.33 -7.49
C ASP D 73 5.15 -7.38 -8.86
N ARG D 74 3.85 -7.69 -8.88
CA ARG D 74 3.05 -7.59 -10.11
C ARG D 74 2.89 -6.12 -10.50
N GLU D 75 2.63 -5.27 -9.51
CA GLU D 75 2.51 -3.84 -9.74
C GLU D 75 3.84 -3.21 -10.13
N ASN D 76 4.91 -3.62 -9.44
CA ASN D 76 6.25 -3.15 -9.73
C ASN D 76 6.64 -3.34 -11.19
N LEU D 77 6.60 -4.59 -11.66
CA LEU D 77 6.91 -4.91 -13.05
C LEU D 77 6.26 -3.94 -14.03
N GLY D 78 4.99 -3.63 -13.82
CA GLY D 78 4.26 -2.67 -14.65
C GLY D 78 4.76 -1.24 -14.50
N ILE D 79 5.19 -0.88 -13.29
CA ILE D 79 5.70 0.47 -13.01
C ILE D 79 7.02 0.74 -13.74
N LEU D 80 7.94 -0.22 -13.71
CA LEU D 80 9.24 -0.04 -14.37
C LEU D 80 9.11 -0.02 -15.90
N GLN D 81 8.16 -0.79 -16.43
CA GLN D 81 7.88 -0.80 -17.87
C GLN D 81 7.51 0.59 -18.39
N ARG D 82 6.72 1.32 -17.61
CA ARG D 82 6.30 2.67 -17.97
C ARG D 82 7.38 3.72 -17.67
N ARG D 83 8.18 3.48 -16.64
CA ARG D 83 9.25 4.41 -16.27
C ARG D 83 10.40 4.37 -17.27
N TYR D 84 10.77 3.18 -17.71
CA TYR D 84 11.81 2.99 -18.74
C TYR D 84 11.29 3.20 -20.15
N ASN D 85 9.97 3.38 -20.31
CA ASN D 85 9.31 3.52 -21.61
C ASN D 85 9.55 2.28 -22.48
N GLN D 86 9.24 1.11 -21.92
CA GLN D 86 9.45 -0.17 -22.58
C GLN D 86 8.12 -0.79 -22.99
N THR D 87 8.08 -1.38 -24.18
CA THR D 87 6.88 -2.07 -24.68
C THR D 87 6.62 -3.37 -23.94
N GLY D 88 7.70 -4.07 -23.57
CA GLY D 88 7.60 -5.35 -22.86
C GLY D 88 8.87 -6.17 -22.97
N GLY D 89 8.71 -7.46 -23.23
CA GLY D 89 9.86 -8.36 -23.42
C GLY D 89 10.29 -9.06 -22.14
N SER D 90 11.48 -9.66 -22.17
CA SER D 90 12.00 -10.41 -21.04
C SER D 90 12.66 -9.49 -20.02
N HIS D 91 11.90 -9.11 -18.99
CA HIS D 91 12.43 -8.32 -17.87
C HIS D 91 12.21 -9.09 -16.57
N THR D 92 13.01 -8.76 -15.56
CA THR D 92 12.93 -9.44 -14.27
C THR D 92 13.26 -8.49 -13.11
N VAL D 93 12.53 -8.65 -12.00
CA VAL D 93 12.76 -7.89 -10.78
C VAL D 93 13.30 -8.83 -9.70
N GLN D 94 14.39 -8.42 -9.07
CA GLN D 94 15.06 -9.24 -8.05
C GLN D 94 15.11 -8.49 -6.72
N TRP D 95 14.83 -9.21 -5.64
CA TRP D 95 14.97 -8.67 -4.29
C TRP D 95 15.92 -9.56 -3.48
N MET D 96 16.75 -8.93 -2.66
CA MET D 96 17.73 -9.65 -1.85
C MET D 96 17.94 -8.93 -0.52
N TYR D 97 17.37 -9.49 0.54
CA TYR D 97 17.47 -8.91 1.89
C TYR D 97 17.69 -10.00 2.93
N GLY D 98 18.45 -9.67 3.97
CA GLY D 98 18.78 -10.63 5.03
C GLY D 98 19.42 -10.00 6.25
N CYS D 99 19.96 -10.86 7.12
CA CYS D 99 20.61 -10.40 8.34
C CYS D 99 21.62 -11.44 8.85
N ASP D 100 22.77 -10.96 9.31
CA ASP D 100 23.82 -11.83 9.85
C ASP D 100 23.99 -11.61 11.35
N ILE D 101 24.23 -12.70 12.08
CA ILE D 101 24.50 -12.63 13.51
C ILE D 101 25.76 -13.43 13.84
N LEU D 102 26.53 -12.95 14.82
CA LEU D 102 27.72 -13.67 15.30
C LEU D 102 27.34 -14.35 16.63
N GLU D 103 28.00 -14.00 17.73
CA GLU D 103 27.71 -14.64 19.02
C GLU D 103 26.46 -14.03 19.65
N GLY D 104 25.31 -14.31 19.03
CA GLY D 104 24.03 -13.78 19.49
C GLY D 104 23.64 -12.47 18.82
N GLY D 105 24.50 -11.47 18.93
CA GLY D 105 24.21 -10.13 18.43
C GLY D 105 24.31 -10.00 16.91
N PRO D 106 23.63 -9.00 16.33
CA PRO D 106 23.67 -8.76 14.88
C PRO D 106 24.91 -8.00 14.44
N ILE D 107 25.40 -8.33 13.24
CA ILE D 107 26.58 -7.69 12.67
C ILE D 107 26.20 -6.89 11.41
N ARG D 108 25.44 -7.51 10.52
CA ARG D 108 25.09 -6.91 9.24
C ARG D 108 23.58 -6.94 9.00
N GLY D 109 23.09 -5.99 8.21
CA GLY D 109 21.68 -5.91 7.86
C GLY D 109 21.52 -5.20 6.52
N TYR D 110 20.97 -5.91 5.53
CA TYR D 110 20.90 -5.40 4.16
C TYR D 110 19.52 -5.60 3.54
N TYR D 111 19.21 -4.75 2.55
CA TYR D 111 17.95 -4.79 1.83
C TYR D 111 18.14 -4.17 0.45
N GLN D 112 18.32 -5.02 -0.57
CA GLN D 112 18.73 -4.57 -1.90
C GLN D 112 17.72 -4.97 -2.97
N MET D 113 17.94 -4.47 -4.18
CA MET D 113 17.09 -4.78 -5.34
C MET D 113 17.86 -4.56 -6.64
N ALA D 114 17.57 -5.39 -7.64
CA ALA D 114 18.15 -5.25 -8.98
C ALA D 114 17.09 -5.44 -10.06
N TYR D 115 17.26 -4.70 -11.16
CA TYR D 115 16.35 -4.80 -12.31
C TYR D 115 17.15 -5.14 -13.57
N ASP D 116 16.76 -6.22 -14.25
CA ASP D 116 17.41 -6.69 -15.46
C ASP D 116 18.91 -6.98 -15.25
N GLY D 117 19.21 -7.67 -14.15
CA GLY D 117 20.59 -8.06 -13.84
C GLY D 117 21.52 -6.93 -13.48
N ARG D 118 20.96 -5.82 -12.98
CA ARG D 118 21.76 -4.65 -12.58
C ARG D 118 21.13 -3.99 -11.36
N ASP D 119 21.97 -3.51 -10.45
CA ASP D 119 21.52 -2.92 -9.19
C ASP D 119 20.57 -1.75 -9.41
N PHE D 120 19.47 -1.74 -8.66
CA PHE D 120 18.46 -0.69 -8.76
C PHE D 120 18.51 0.21 -7.53
N THR D 121 18.33 -0.40 -6.36
CA THR D 121 18.36 0.33 -5.08
C THR D 121 18.97 -0.52 -3.97
N ALA D 122 19.39 0.15 -2.89
CA ALA D 122 19.96 -0.54 -1.72
C ALA D 122 19.80 0.32 -0.47
N PHE D 123 19.32 -0.31 0.61
CA PHE D 123 19.08 0.39 1.87
C PHE D 123 20.33 0.44 2.73
N ASP D 124 20.91 1.63 2.86
CA ASP D 124 22.04 1.85 3.76
C ASP D 124 21.49 2.17 5.15
N LYS D 125 21.68 1.23 6.08
CA LYS D 125 21.07 1.33 7.41
C LYS D 125 21.78 2.35 8.32
N GLY D 126 23.09 2.51 8.13
CA GLY D 126 23.88 3.43 8.93
C GLY D 126 23.52 4.89 8.71
N THR D 127 23.46 5.29 7.43
CA THR D 127 23.10 6.66 7.06
C THR D 127 21.59 6.88 7.03
N MET D 128 20.81 5.79 7.07
CA MET D 128 19.35 5.84 7.07
C MET D 128 18.83 6.48 5.78
N THR D 129 19.38 6.04 4.64
CA THR D 129 18.96 6.51 3.32
C THR D 129 19.15 5.41 2.27
N PHE D 130 18.26 5.41 1.28
CA PHE D 130 18.34 4.46 0.16
C PHE D 130 19.19 5.10 -0.94
N THR D 131 19.91 4.26 -1.68
CA THR D 131 20.82 4.75 -2.71
C THR D 131 20.26 4.44 -4.10
N ALA D 132 20.37 5.42 -5.01
CA ALA D 132 19.94 5.25 -6.39
C ALA D 132 21.13 4.97 -7.29
N ALA D 133 21.30 3.70 -7.66
CA ALA D 133 22.42 3.28 -8.51
C ALA D 133 22.24 3.75 -9.95
N VAL D 134 21.00 3.70 -10.44
CA VAL D 134 20.67 4.10 -11.81
C VAL D 134 19.77 5.33 -11.79
N PRO D 135 19.94 6.25 -12.76
CA PRO D 135 19.06 7.42 -12.92
C PRO D 135 17.55 7.11 -12.91
N GLU D 136 17.17 5.91 -13.33
CA GLU D 136 15.76 5.49 -13.32
C GLU D 136 15.26 5.12 -11.92
N ALA D 137 16.18 4.97 -10.96
CA ALA D 137 15.84 4.61 -9.59
C ALA D 137 15.81 5.82 -8.64
N VAL D 138 16.01 7.02 -9.19
CA VAL D 138 15.99 8.25 -8.38
C VAL D 138 14.60 8.58 -7.84
N PRO D 139 13.54 8.35 -8.63
CA PRO D 139 12.18 8.54 -8.11
C PRO D 139 11.87 7.66 -6.90
N THR D 140 12.30 6.40 -6.95
CA THR D 140 12.08 5.45 -5.85
C THR D 140 12.77 5.90 -4.56
N LYS D 141 13.94 6.51 -4.70
CA LYS D 141 14.70 7.05 -3.57
C LYS D 141 13.91 8.14 -2.82
N ARG D 142 13.23 9.00 -3.58
CA ARG D 142 12.44 10.09 -3.00
C ARG D 142 11.16 9.55 -2.38
N LYS D 143 10.53 8.57 -3.02
CA LYS D 143 9.32 7.93 -2.52
C LYS D 143 9.55 7.25 -1.18
N TRP D 144 10.62 6.47 -1.10
CA TRP D 144 10.91 5.65 0.07
C TRP D 144 11.53 6.43 1.24
N GLU D 145 11.96 7.67 0.98
CA GLU D 145 12.50 8.53 2.03
C GLU D 145 11.43 9.42 2.66
N GLU D 146 10.51 9.92 1.84
CA GLU D 146 9.40 10.74 2.33
C GLU D 146 8.53 9.96 3.30
N GLY D 147 8.02 8.82 2.85
CA GLY D 147 7.35 7.87 3.74
C GLY D 147 8.41 7.01 4.40
N ASP D 148 8.64 7.23 5.69
CA ASP D 148 9.74 6.56 6.40
C ASP D 148 9.56 5.04 6.52
N TYR D 149 9.92 4.34 5.45
CA TYR D 149 9.99 2.88 5.45
C TYR D 149 11.33 2.44 6.04
N ALA D 150 12.26 3.38 6.13
CA ALA D 150 13.59 3.14 6.70
C ALA D 150 13.52 2.81 8.20
N GLU D 151 12.57 3.42 8.90
CA GLU D 151 12.31 3.10 10.30
C GLU D 151 11.74 1.70 10.45
N GLY D 152 10.90 1.30 9.50
CA GLY D 152 10.31 -0.05 9.48
C GLY D 152 11.32 -1.13 9.17
N LEU D 153 12.25 -0.83 8.27
CA LEU D 153 13.32 -1.78 7.89
C LEU D 153 14.32 -1.98 9.02
N LYS D 154 14.70 -0.90 9.70
CA LYS D 154 15.62 -0.99 10.84
C LYS D 154 15.03 -1.84 11.96
N GLN D 155 13.73 -1.69 12.19
CA GLN D 155 13.02 -2.54 13.16
C GLN D 155 13.05 -4.01 12.74
N TYR D 156 12.89 -4.27 11.45
CA TYR D 156 12.88 -5.64 10.94
C TYR D 156 14.28 -6.27 10.99
N LEU D 157 15.27 -5.58 10.44
CA LEU D 157 16.61 -6.13 10.29
C LEU D 157 17.33 -6.38 11.62
N GLU D 158 17.15 -5.48 12.58
CA GLU D 158 17.83 -5.58 13.88
C GLU D 158 17.08 -6.42 14.91
N GLU D 159 15.76 -6.25 14.98
CA GLU D 159 14.96 -6.89 16.03
C GLU D 159 14.22 -8.13 15.54
N THR D 160 13.38 -7.97 14.52
CA THR D 160 12.53 -9.05 14.02
C THR D 160 13.35 -10.18 13.40
N CYS D 161 14.21 -9.83 12.45
CA CYS D 161 15.06 -10.80 11.73
C CYS D 161 15.89 -11.66 12.70
N VAL D 162 16.45 -11.02 13.71
CA VAL D 162 17.36 -11.68 14.66
C VAL D 162 16.63 -12.65 15.58
N GLU D 163 15.48 -12.23 16.11
CA GLU D 163 14.69 -13.06 17.02
C GLU D 163 14.21 -14.35 16.34
N TRP D 164 13.79 -14.24 15.09
CA TRP D 164 13.38 -15.41 14.30
C TRP D 164 14.57 -16.30 13.95
N LEU D 165 15.71 -15.68 13.62
CA LEU D 165 16.92 -16.42 13.26
C LEU D 165 17.42 -17.28 14.41
N ARG D 166 17.48 -16.71 15.61
CA ARG D 166 17.89 -17.46 16.80
C ARG D 166 16.99 -18.68 17.04
N ARG D 167 15.70 -18.52 16.75
CA ARG D 167 14.75 -19.63 16.86
C ARG D 167 14.99 -20.70 15.79
N TYR D 168 15.25 -20.27 14.55
CA TYR D 168 15.52 -21.21 13.45
C TYR D 168 16.78 -22.05 13.70
N VAL D 169 17.81 -21.43 14.27
CA VAL D 169 19.05 -22.14 14.59
C VAL D 169 18.82 -23.16 15.71
N GLU D 170 18.00 -22.80 16.68
CA GLU D 170 17.68 -23.69 17.80
C GLU D 170 16.87 -24.91 17.35
N TYR D 171 16.01 -24.74 16.35
CA TYR D 171 15.23 -25.84 15.80
C TYR D 171 16.11 -26.83 15.04
N GLY D 172 16.89 -26.31 14.11
CA GLY D 172 17.77 -27.14 13.28
C GLY D 172 19.22 -27.13 13.72
N LYS D 173 19.45 -27.09 15.03
CA LYS D 173 20.81 -27.10 15.58
C LYS D 173 21.56 -28.38 15.20
N ALA D 174 20.85 -29.51 15.26
CA ALA D 174 21.43 -30.80 14.90
C ALA D 174 21.64 -30.93 13.39
N GLU D 175 20.71 -30.43 12.61
CA GLU D 175 20.75 -30.57 11.15
C GLU D 175 21.65 -29.52 10.47
N LEU D 176 21.89 -28.41 11.15
CA LEU D 176 22.86 -27.40 10.69
C LEU D 176 24.25 -27.69 11.26
N GLY D 177 24.30 -28.24 12.48
CA GLY D 177 25.56 -28.55 13.14
C GLY D 177 26.19 -29.89 12.75
N ARG D 178 25.50 -30.67 11.92
CA ARG D 178 26.01 -31.98 11.49
C ARG D 178 27.21 -31.85 10.54
N ARG D 179 27.89 -32.97 10.34
CA ARG D 179 29.02 -33.04 9.41
C ARG D 179 28.98 -34.35 8.63
N GLU D 180 29.05 -34.24 7.30
CA GLU D 180 29.07 -35.40 6.42
C GLU D 180 30.39 -35.49 5.68
N ARG D 181 30.89 -36.71 5.49
CA ARG D 181 32.23 -36.94 4.95
C ARG D 181 32.19 -37.18 3.44
N PRO D 182 33.12 -36.57 2.69
CA PRO D 182 33.11 -36.68 1.23
C PRO D 182 33.61 -38.03 0.71
N GLU D 183 32.85 -38.63 -0.20
CA GLU D 183 33.29 -39.83 -0.90
C GLU D 183 34.15 -39.42 -2.08
N VAL D 184 35.45 -39.69 -2.00
CA VAL D 184 36.43 -39.17 -2.96
C VAL D 184 36.89 -40.26 -3.92
N ARG D 185 37.00 -39.91 -5.20
CA ARG D 185 37.47 -40.83 -6.24
C ARG D 185 38.46 -40.13 -7.16
N VAL D 186 39.63 -40.74 -7.34
CA VAL D 186 40.66 -40.20 -8.22
C VAL D 186 40.66 -40.97 -9.54
N TRP D 187 40.79 -40.24 -10.65
CA TRP D 187 40.72 -40.83 -11.99
C TRP D 187 41.46 -39.98 -13.01
N GLY D 188 42.02 -40.65 -14.03
CA GLY D 188 42.79 -39.97 -15.07
C GLY D 188 42.64 -40.62 -16.43
N LYS D 189 42.78 -39.81 -17.48
CA LYS D 189 42.65 -40.27 -18.86
C LYS D 189 43.59 -39.53 -19.80
N GLU D 190 44.00 -40.19 -20.88
CA GLU D 190 44.84 -39.59 -21.91
C GLU D 190 43.98 -38.77 -22.86
N ALA D 191 44.34 -37.50 -23.06
CA ALA D 191 43.59 -36.60 -23.93
C ALA D 191 44.21 -36.55 -25.33
N ASP D 192 45.40 -35.98 -25.43
CA ASP D 192 46.12 -35.91 -26.71
C ASP D 192 47.63 -35.83 -26.42
N GLY D 193 48.14 -36.89 -25.81
CA GLY D 193 49.54 -36.94 -25.37
C GLY D 193 49.74 -36.42 -23.96
N ILE D 194 48.65 -35.96 -23.34
CA ILE D 194 48.69 -35.35 -22.00
C ILE D 194 47.72 -36.10 -21.09
N LEU D 195 48.22 -36.54 -19.94
CA LEU D 195 47.38 -37.20 -18.93
C LEU D 195 46.63 -36.13 -18.13
N THR D 196 45.33 -36.34 -17.95
CA THR D 196 44.48 -35.39 -17.23
C THR D 196 43.81 -36.06 -16.03
N LEU D 197 44.44 -35.93 -14.87
CA LEU D 197 43.91 -36.50 -13.64
C LEU D 197 42.77 -35.63 -13.11
N SER D 198 41.90 -36.22 -12.28
CA SER D 198 40.72 -35.53 -11.77
C SER D 198 40.26 -36.09 -10.43
N CYS D 199 40.25 -35.24 -9.40
CA CYS D 199 39.72 -35.60 -8.10
C CYS D 199 38.26 -35.15 -8.02
N ARG D 200 37.42 -35.95 -7.37
CA ARG D 200 35.97 -35.71 -7.35
C ARG D 200 35.34 -36.10 -6.02
N ALA D 201 35.18 -35.12 -5.14
CA ALA D 201 34.47 -35.32 -3.86
C ALA D 201 32.97 -35.24 -4.12
N HIS D 202 32.24 -36.24 -3.63
CA HIS D 202 30.81 -36.40 -3.97
C HIS D 202 29.86 -35.70 -2.99
N GLY D 203 29.56 -36.35 -1.87
CA GLY D 203 28.56 -35.87 -0.92
C GLY D 203 29.15 -35.47 0.41
N PHE D 204 29.07 -34.18 0.74
CA PHE D 204 29.64 -33.65 1.98
C PHE D 204 28.90 -32.42 2.51
N TYR D 205 29.09 -32.15 3.79
CA TYR D 205 28.47 -31.01 4.47
C TYR D 205 29.30 -30.68 5.71
N PRO D 206 29.51 -29.37 6.01
CA PRO D 206 29.04 -28.15 5.35
C PRO D 206 29.69 -27.86 3.98
N ARG D 207 29.35 -26.70 3.42
CA ARG D 207 29.75 -26.32 2.06
C ARG D 207 31.27 -26.13 1.86
N PRO D 208 31.89 -25.20 2.60
CA PRO D 208 33.27 -24.84 2.28
C PRO D 208 34.26 -26.00 2.47
N ILE D 209 34.85 -26.46 1.37
CA ILE D 209 35.82 -27.55 1.38
C ILE D 209 37.02 -27.16 0.50
N VAL D 210 38.21 -27.59 0.90
CA VAL D 210 39.44 -27.28 0.17
C VAL D 210 40.00 -28.54 -0.48
N VAL D 211 39.97 -28.57 -1.81
CA VAL D 211 40.49 -29.69 -2.59
C VAL D 211 41.58 -29.20 -3.55
N SER D 212 42.75 -29.84 -3.49
CA SER D 212 43.90 -29.43 -4.29
C SER D 212 44.80 -30.60 -4.68
N TRP D 213 45.66 -30.38 -5.67
CA TRP D 213 46.60 -31.38 -6.15
C TRP D 213 48.00 -31.18 -5.58
N LEU D 214 48.64 -32.26 -5.16
CA LEU D 214 49.97 -32.21 -4.55
C LEU D 214 50.99 -33.03 -5.35
N LYS D 215 51.88 -32.33 -6.05
CA LYS D 215 52.95 -32.98 -6.82
C LYS D 215 54.21 -33.13 -5.96
N ASP D 216 54.61 -34.37 -5.72
CA ASP D 216 55.79 -34.69 -4.91
C ASP D 216 55.74 -34.08 -3.51
N GLY D 217 54.56 -34.16 -2.88
CA GLY D 217 54.35 -33.57 -1.56
C GLY D 217 54.43 -32.06 -1.54
N ALA D 218 53.98 -31.43 -2.62
CA ALA D 218 53.99 -29.98 -2.74
C ALA D 218 52.76 -29.51 -3.53
N VAL D 219 52.06 -28.51 -2.99
CA VAL D 219 50.80 -28.04 -3.57
C VAL D 219 51.03 -27.33 -4.91
N ARG D 220 50.42 -27.85 -5.96
CA ARG D 220 50.53 -27.27 -7.31
C ARG D 220 49.22 -26.59 -7.69
N GLY D 221 49.19 -25.26 -7.61
CA GLY D 221 48.03 -24.47 -8.02
C GLY D 221 48.13 -23.96 -9.45
N GLN D 222 49.13 -24.44 -10.19
CA GLN D 222 49.32 -24.14 -11.59
C GLN D 222 48.85 -25.33 -12.40
N ASP D 223 48.22 -25.04 -13.52
CA ASP D 223 47.59 -26.02 -14.39
C ASP D 223 46.34 -26.66 -13.77
N ALA D 224 46.01 -26.33 -12.52
CA ALA D 224 44.83 -26.90 -11.87
C ALA D 224 43.57 -26.16 -12.32
N HIS D 225 42.53 -26.93 -12.64
CA HIS D 225 41.23 -26.37 -13.04
C HIS D 225 40.14 -26.84 -12.09
N SER D 226 39.40 -25.89 -11.53
CA SER D 226 38.34 -26.20 -10.58
C SER D 226 37.00 -25.65 -11.06
N GLY D 227 35.92 -26.39 -10.80
CA GLY D 227 34.57 -25.97 -11.16
C GLY D 227 33.78 -25.41 -9.98
N GLY D 228 34.48 -25.05 -8.91
CA GLY D 228 33.83 -24.51 -7.71
C GLY D 228 33.06 -25.56 -6.93
N ILE D 229 32.28 -25.11 -5.95
CA ILE D 229 31.44 -25.99 -5.14
C ILE D 229 30.00 -25.89 -5.66
N VAL D 230 29.39 -27.04 -5.92
CA VAL D 230 28.04 -27.10 -6.48
C VAL D 230 27.12 -27.96 -5.61
N PRO D 231 25.82 -27.61 -5.56
CA PRO D 231 24.89 -28.28 -4.66
C PRO D 231 24.33 -29.60 -5.19
N ASN D 232 23.73 -30.38 -4.31
CA ASN D 232 23.04 -31.62 -4.66
C ASN D 232 21.55 -31.52 -4.31
N GLY D 233 20.79 -32.54 -4.68
CA GLY D 233 19.34 -32.54 -4.45
C GLY D 233 18.91 -32.75 -3.01
N ASP D 234 19.75 -33.43 -2.21
CA ASP D 234 19.38 -33.80 -0.84
C ASP D 234 20.10 -32.97 0.23
N GLY D 235 20.27 -31.67 -0.04
CA GLY D 235 20.86 -30.75 0.93
C GLY D 235 22.31 -31.02 1.28
N THR D 236 23.11 -31.35 0.26
CA THR D 236 24.55 -31.58 0.42
C THR D 236 25.30 -30.98 -0.77
N TYR D 237 26.63 -30.92 -0.66
CA TYR D 237 27.45 -30.23 -1.66
C TYR D 237 28.46 -31.14 -2.37
N HIS D 238 28.93 -30.67 -3.52
CA HIS D 238 29.81 -31.43 -4.41
C HIS D 238 30.86 -30.50 -5.02
N THR D 239 32.07 -31.01 -5.20
CA THR D 239 33.15 -30.25 -5.85
C THR D 239 33.97 -31.13 -6.80
N TRP D 240 34.80 -30.50 -7.62
CA TRP D 240 35.59 -31.20 -8.63
C TRP D 240 36.79 -30.37 -9.08
N VAL D 241 37.97 -30.99 -9.08
CA VAL D 241 39.20 -30.36 -9.58
C VAL D 241 39.88 -31.31 -10.57
N THR D 242 40.64 -30.75 -11.50
CA THR D 242 41.42 -31.55 -12.47
C THR D 242 42.76 -30.89 -12.77
N ILE D 243 43.74 -31.71 -13.12
CA ILE D 243 45.12 -31.26 -13.38
C ILE D 243 45.67 -31.89 -14.66
N ASP D 244 46.24 -31.06 -15.53
CA ASP D 244 46.94 -31.54 -16.71
C ASP D 244 48.37 -31.89 -16.33
N ALA D 245 48.81 -33.10 -16.70
CA ALA D 245 50.13 -33.60 -16.31
C ALA D 245 50.75 -34.46 -17.41
N GLN D 246 52.05 -34.75 -17.26
CA GLN D 246 52.76 -35.63 -18.19
C GLN D 246 52.30 -37.07 -18.01
N PRO D 247 52.27 -37.84 -19.12
CA PRO D 247 51.80 -39.23 -19.05
C PRO D 247 52.84 -40.14 -18.38
N GLY D 248 52.37 -41.04 -17.52
CA GLY D 248 53.25 -41.93 -16.76
C GLY D 248 53.39 -41.49 -15.31
N ASP D 249 53.45 -40.19 -15.08
CA ASP D 249 53.56 -39.63 -13.74
C ASP D 249 52.23 -39.70 -13.01
N GLY D 250 51.88 -40.89 -12.54
CA GLY D 250 50.63 -41.12 -11.82
C GLY D 250 50.80 -41.14 -10.31
N ASP D 251 51.88 -41.78 -9.85
CA ASP D 251 52.15 -41.90 -8.41
C ASP D 251 52.67 -40.61 -7.78
N LYS D 252 53.17 -39.69 -8.61
CA LYS D 252 53.68 -38.41 -8.12
C LYS D 252 52.58 -37.51 -7.55
N TYR D 253 51.42 -37.51 -8.19
CA TYR D 253 50.31 -36.64 -7.81
C TYR D 253 49.45 -37.23 -6.71
N GLN D 254 48.88 -36.36 -5.87
CA GLN D 254 48.00 -36.78 -4.77
C GLN D 254 46.92 -35.72 -4.53
N CYS D 255 45.68 -36.16 -4.37
CA CYS D 255 44.57 -35.27 -4.06
C CYS D 255 44.38 -35.15 -2.55
N ARG D 256 44.66 -33.97 -2.00
CA ARG D 256 44.43 -33.69 -0.59
C ARG D 256 43.05 -33.07 -0.41
N VAL D 257 42.31 -33.55 0.61
CA VAL D 257 40.98 -33.06 0.92
C VAL D 257 40.92 -32.55 2.35
N GLU D 258 40.74 -31.24 2.52
CA GLU D 258 40.61 -30.62 3.84
C GLU D 258 39.16 -30.23 4.06
N HIS D 259 38.57 -30.76 5.13
CA HIS D 259 37.15 -30.52 5.44
C HIS D 259 36.91 -30.55 6.94
N ALA D 260 35.83 -29.91 7.38
CA ALA D 260 35.48 -29.84 8.80
C ALA D 260 35.14 -31.20 9.39
N SER D 261 34.52 -32.07 8.59
CA SER D 261 34.15 -33.42 9.03
C SER D 261 35.37 -34.29 9.34
N LEU D 262 36.43 -34.13 8.55
CA LEU D 262 37.66 -34.91 8.72
C LEU D 262 38.62 -34.21 9.68
N PRO D 263 39.10 -34.92 10.71
CA PRO D 263 40.07 -34.33 11.64
C PRO D 263 41.46 -34.18 11.01
N GLN D 264 41.89 -35.19 10.25
CA GLN D 264 43.14 -35.15 9.52
C GLN D 264 42.81 -35.09 8.01
N PRO D 265 43.50 -34.21 7.26
CA PRO D 265 43.21 -34.12 5.82
C PRO D 265 43.62 -35.39 5.07
N GLY D 266 42.64 -36.07 4.48
CA GLY D 266 42.89 -37.34 3.79
C GLY D 266 43.48 -37.16 2.41
N LEU D 267 44.55 -37.91 2.13
CA LEU D 267 45.19 -37.92 0.81
C LEU D 267 44.71 -39.12 0.01
N TYR D 268 44.56 -38.93 -1.30
CA TYR D 268 44.11 -39.99 -2.20
C TYR D 268 45.00 -40.07 -3.43
N SER D 269 45.29 -41.31 -3.87
CA SER D 269 46.15 -41.54 -5.03
C SER D 269 45.42 -42.38 -6.07
N TRP D 270 45.85 -42.23 -7.33
CA TRP D 270 45.23 -42.96 -8.45
C TRP D 270 45.79 -44.38 -8.52
N GLU D 271 44.92 -45.36 -8.25
CA GLU D 271 45.30 -46.76 -8.28
C GLU D 271 44.18 -47.62 -8.86
N PRO D 272 44.33 -48.08 -10.12
CA PRO D 272 43.36 -48.98 -10.73
C PRO D 272 43.84 -50.43 -10.72
N LEU E 2 24.19 -13.11 -19.83
CA LEU E 2 25.44 -13.89 -19.64
C LEU E 2 25.22 -15.38 -19.96
N THR E 3 26.25 -16.03 -20.50
CA THR E 3 26.17 -17.44 -20.87
C THR E 3 26.30 -18.35 -19.64
N PRO E 4 25.50 -19.43 -19.58
CA PRO E 4 25.50 -20.31 -18.42
C PRO E 4 26.72 -21.26 -18.38
N LYS E 5 27.31 -21.40 -17.20
CA LYS E 5 28.42 -22.33 -16.99
C LYS E 5 27.87 -23.63 -16.43
N VAL E 6 27.78 -24.65 -17.29
CA VAL E 6 27.09 -25.90 -16.96
C VAL E 6 28.09 -26.99 -16.57
N GLN E 7 27.71 -27.81 -15.59
CA GLN E 7 28.53 -28.93 -15.12
C GLN E 7 27.67 -30.16 -14.84
N VAL E 8 27.94 -31.25 -15.55
CA VAL E 8 27.20 -32.50 -15.36
C VAL E 8 27.99 -33.43 -14.45
N TYR E 9 27.30 -34.02 -13.47
CA TYR E 9 27.94 -34.90 -12.49
C TYR E 9 26.91 -35.76 -11.75
N SER E 10 27.39 -36.84 -11.14
CA SER E 10 26.53 -37.77 -10.39
C SER E 10 26.58 -37.48 -8.89
N ARG E 11 25.52 -37.86 -8.18
CA ARG E 11 25.46 -37.71 -6.73
C ARG E 11 26.44 -38.67 -6.06
N PHE E 12 26.37 -39.94 -6.44
CA PHE E 12 27.22 -40.98 -5.90
C PHE E 12 28.25 -41.44 -6.95
N PRO E 13 29.26 -42.21 -6.53
CA PRO E 13 30.19 -42.86 -7.46
C PRO E 13 29.51 -43.61 -8.59
N ALA E 14 30.05 -43.50 -9.80
CA ALA E 14 29.46 -44.12 -10.98
C ALA E 14 29.70 -45.63 -11.01
N SER E 15 28.89 -46.36 -10.24
CA SER E 15 28.91 -47.82 -10.24
C SER E 15 27.82 -48.33 -11.19
N ALA E 16 28.19 -49.23 -12.08
CA ALA E 16 27.27 -49.74 -13.10
C ALA E 16 26.20 -50.65 -12.48
N GLY E 17 24.94 -50.37 -12.81
CA GLY E 17 23.81 -51.16 -12.31
C GLY E 17 23.45 -50.88 -10.86
N THR E 18 23.84 -49.71 -10.36
CA THR E 18 23.59 -49.31 -8.98
C THR E 18 22.79 -48.02 -8.95
N LYS E 19 21.87 -47.91 -7.98
CA LYS E 19 21.06 -46.69 -7.84
C LYS E 19 21.93 -45.44 -7.70
N ASN E 20 21.58 -44.40 -8.45
CA ASN E 20 22.34 -43.15 -8.47
C ASN E 20 21.42 -41.98 -8.87
N VAL E 21 21.91 -40.76 -8.70
CA VAL E 21 21.17 -39.56 -9.08
C VAL E 21 22.05 -38.66 -9.94
N LEU E 22 21.69 -38.53 -11.23
CA LEU E 22 22.43 -37.68 -12.15
C LEU E 22 22.05 -36.22 -11.90
N ASN E 23 23.04 -35.32 -11.93
CA ASN E 23 22.82 -33.91 -11.66
C ASN E 23 23.36 -33.02 -12.77
N CYS E 24 22.59 -32.00 -13.13
CA CYS E 24 23.04 -30.97 -14.06
C CYS E 24 22.87 -29.60 -13.41
N PHE E 25 23.97 -28.88 -13.25
CA PHE E 25 23.97 -27.60 -12.55
C PHE E 25 24.51 -26.47 -13.43
N ALA E 26 23.61 -25.64 -13.93
CA ALA E 26 23.97 -24.42 -14.65
C ALA E 26 24.00 -23.25 -13.69
N ALA E 27 24.93 -22.32 -13.89
CA ALA E 27 25.07 -21.15 -13.02
C ALA E 27 25.77 -20.00 -13.72
N GLY E 28 25.46 -18.78 -13.28
CA GLY E 28 26.08 -17.58 -13.84
C GLY E 28 25.50 -17.19 -15.18
N PHE E 29 24.19 -16.97 -15.22
CA PHE E 29 23.51 -16.58 -16.46
C PHE E 29 22.38 -15.58 -16.24
N HIS E 30 21.97 -14.94 -17.35
CA HIS E 30 20.89 -13.95 -17.33
C HIS E 30 20.39 -13.76 -18.77
N PRO E 31 19.06 -13.74 -18.98
CA PRO E 31 17.96 -13.82 -18.02
C PRO E 31 17.74 -15.24 -17.45
N PRO E 32 16.85 -15.37 -16.44
CA PRO E 32 16.65 -16.66 -15.75
C PRO E 32 15.93 -17.74 -16.57
N LYS E 33 15.25 -17.35 -17.65
CA LYS E 33 14.53 -18.32 -18.48
C LYS E 33 15.51 -19.28 -19.16
N ILE E 34 15.59 -20.50 -18.63
CA ILE E 34 16.51 -21.52 -19.14
C ILE E 34 15.81 -22.89 -19.16
N SER E 35 16.09 -23.67 -20.20
CA SER E 35 15.51 -25.00 -20.36
C SER E 35 16.58 -26.08 -20.28
N ILE E 36 16.78 -26.60 -19.07
CA ILE E 36 17.77 -27.65 -18.81
C ILE E 36 17.08 -29.01 -18.86
N THR E 37 17.60 -29.92 -19.70
CA THR E 37 17.06 -31.26 -19.84
C THR E 37 18.17 -32.30 -19.83
N LEU E 38 17.97 -33.39 -19.10
CA LEU E 38 18.93 -34.49 -19.02
C LEU E 38 18.48 -35.58 -19.98
N MET E 39 19.40 -36.08 -20.80
CA MET E 39 19.08 -37.05 -21.84
C MET E 39 19.88 -38.34 -21.71
N LYS E 40 19.21 -39.46 -22.00
CA LYS E 40 19.85 -40.78 -22.07
C LYS E 40 19.78 -41.27 -23.51
N ASP E 41 20.93 -41.24 -24.19
CA ASP E 41 21.05 -41.65 -25.60
C ASP E 41 20.18 -40.81 -26.53
N GLY E 42 20.26 -39.48 -26.36
CA GLY E 42 19.49 -38.55 -27.19
C GLY E 42 17.99 -38.56 -26.93
N VAL E 43 17.60 -39.01 -25.73
CA VAL E 43 16.20 -39.07 -25.34
C VAL E 43 16.07 -38.62 -23.87
N PRO E 44 15.19 -37.64 -23.59
CA PRO E 44 14.97 -37.17 -22.23
C PRO E 44 14.71 -38.29 -21.21
N MET E 45 15.31 -38.17 -20.02
CA MET E 45 15.18 -39.19 -18.99
C MET E 45 13.79 -39.19 -18.36
N GLU E 46 13.28 -40.37 -18.06
CA GLU E 46 11.96 -40.53 -17.44
C GLU E 46 11.98 -40.09 -15.98
N GLY E 47 10.84 -39.57 -15.51
CA GLY E 47 10.69 -39.12 -14.13
C GLY E 47 11.15 -37.68 -13.94
N ALA E 48 12.44 -37.52 -13.63
CA ALA E 48 13.06 -36.21 -13.43
C ALA E 48 12.57 -35.47 -12.18
N GLN E 49 13.30 -34.44 -11.79
CA GLN E 49 12.95 -33.61 -10.64
C GLN E 49 13.63 -32.24 -10.75
N TYR E 50 12.89 -31.27 -11.28
CA TYR E 50 13.41 -29.90 -11.44
C TYR E 50 13.44 -29.19 -10.08
N SER E 51 14.65 -28.99 -9.56
CA SER E 51 14.83 -28.36 -8.25
C SER E 51 14.62 -26.85 -8.32
N ASP E 52 14.63 -26.20 -7.16
CA ASP E 52 14.37 -24.76 -7.06
C ASP E 52 15.53 -23.95 -7.60
N MET E 53 15.22 -22.79 -8.19
CA MET E 53 16.21 -21.88 -8.74
C MET E 53 16.59 -20.80 -7.73
N SER E 54 17.69 -20.11 -8.01
CA SER E 54 18.18 -19.02 -7.15
C SER E 54 19.21 -18.18 -7.89
N PHE E 55 19.70 -17.12 -7.25
CA PHE E 55 20.81 -16.33 -7.79
C PHE E 55 21.79 -15.88 -6.69
N ASN E 56 23.04 -15.65 -7.09
CA ASN E 56 24.12 -15.38 -6.15
C ASN E 56 24.16 -13.90 -5.73
N ASP E 57 25.23 -13.50 -5.05
CA ASP E 57 25.37 -12.12 -4.56
C ASP E 57 25.43 -11.07 -5.67
N ASP E 58 25.96 -11.46 -6.83
CA ASP E 58 26.10 -10.55 -7.97
C ASP E 58 24.93 -10.61 -8.96
N TRP E 59 23.76 -11.00 -8.45
CA TRP E 59 22.50 -11.01 -9.24
C TRP E 59 22.58 -11.88 -10.50
N THR E 60 23.26 -13.02 -10.40
CA THR E 60 23.38 -13.94 -11.53
C THR E 60 22.78 -15.30 -11.16
N PHE E 61 21.96 -15.85 -12.05
CA PHE E 61 21.11 -16.99 -11.73
C PHE E 61 21.82 -18.34 -11.76
N GLN E 62 21.16 -19.34 -11.18
CA GLN E 62 21.65 -20.71 -11.17
C GLN E 62 20.50 -21.69 -10.88
N ARG E 63 20.43 -22.76 -11.67
CA ARG E 63 19.40 -23.79 -11.49
C ARG E 63 20.02 -25.18 -11.41
N LEU E 64 19.46 -26.01 -10.52
CA LEU E 64 19.86 -27.41 -10.40
C LEU E 64 18.73 -28.29 -10.92
N VAL E 65 19.09 -29.33 -11.67
CA VAL E 65 18.13 -30.34 -12.11
C VAL E 65 18.74 -31.72 -11.85
N HIS E 66 17.94 -32.62 -11.29
CA HIS E 66 18.40 -33.95 -10.94
C HIS E 66 17.32 -35.01 -11.12
N ALA E 67 17.75 -36.25 -11.36
CA ALA E 67 16.84 -37.37 -11.62
C ALA E 67 17.43 -38.68 -11.10
N ASP E 68 16.61 -39.45 -10.39
CA ASP E 68 17.01 -40.77 -9.90
C ASP E 68 17.05 -41.76 -11.07
N PHE E 69 18.14 -42.52 -11.17
CA PHE E 69 18.34 -43.42 -12.31
C PHE E 69 19.33 -44.54 -11.99
N THR E 70 19.55 -45.42 -12.97
CA THR E 70 20.54 -46.48 -12.89
C THR E 70 21.41 -46.45 -14.14
N PRO E 71 22.72 -46.18 -13.99
CA PRO E 71 23.60 -46.07 -15.14
C PRO E 71 23.99 -47.43 -15.72
N SER E 72 23.54 -47.70 -16.95
CA SER E 72 23.89 -48.94 -17.65
C SER E 72 25.11 -48.71 -18.54
N SER E 73 25.84 -49.78 -18.83
CA SER E 73 27.06 -49.70 -19.64
C SER E 73 26.69 -49.57 -21.12
N GLY E 74 27.36 -48.64 -21.80
CA GLY E 74 27.11 -48.39 -23.23
C GLY E 74 26.20 -47.19 -23.47
N SER E 75 25.21 -47.01 -22.59
CA SER E 75 24.27 -45.90 -22.70
C SER E 75 24.96 -44.57 -22.39
N THR E 76 24.80 -43.60 -23.29
CA THR E 76 25.44 -42.29 -23.17
C THR E 76 24.51 -41.30 -22.49
N TYR E 77 25.04 -40.60 -21.47
CA TYR E 77 24.26 -39.60 -20.73
C TYR E 77 24.83 -38.21 -20.98
N ALA E 78 23.94 -37.22 -21.04
CA ALA E 78 24.33 -35.84 -21.28
C ALA E 78 23.22 -34.88 -20.86
N CYS E 79 23.58 -33.60 -20.71
CA CYS E 79 22.64 -32.56 -20.30
C CYS E 79 22.52 -31.49 -21.39
N LYS E 80 21.35 -31.45 -22.04
CA LYS E 80 21.06 -30.42 -23.03
C LYS E 80 20.65 -29.13 -22.32
N VAL E 81 21.15 -27.99 -22.82
CA VAL E 81 20.82 -26.68 -22.26
C VAL E 81 20.48 -25.71 -23.38
N GLU E 82 19.30 -25.09 -23.28
CA GLU E 82 18.83 -24.10 -24.25
C GLU E 82 18.66 -22.76 -23.55
N HIS E 83 19.39 -21.75 -24.01
CA HIS E 83 19.34 -20.40 -23.44
C HIS E 83 19.33 -19.35 -24.54
N GLU E 84 18.86 -18.15 -24.22
CA GLU E 84 18.76 -17.06 -25.19
C GLU E 84 20.13 -16.56 -25.65
N THR E 85 21.12 -16.65 -24.78
CA THR E 85 22.48 -16.19 -25.06
C THR E 85 23.25 -17.15 -25.97
N LEU E 86 22.99 -18.44 -25.83
CA LEU E 86 23.78 -19.48 -26.52
C LEU E 86 23.51 -19.58 -28.03
N LYS E 87 22.43 -18.95 -28.51
CA LYS E 87 22.01 -19.04 -29.92
C LYS E 87 21.56 -20.46 -30.27
N GLU E 88 22.52 -21.38 -30.38
CA GLU E 88 22.25 -22.79 -30.64
C GLU E 88 22.42 -23.58 -29.34
N PRO E 89 21.56 -24.59 -29.10
CA PRO E 89 21.66 -25.43 -27.91
C PRO E 89 23.04 -26.07 -27.71
N GLN E 90 23.51 -26.11 -26.46
CA GLN E 90 24.78 -26.73 -26.10
C GLN E 90 24.53 -28.00 -25.29
N VAL E 91 25.24 -29.07 -25.65
CA VAL E 91 25.11 -30.37 -24.97
C VAL E 91 26.36 -30.64 -24.14
N TYR E 92 26.17 -30.89 -22.85
CA TYR E 92 27.26 -31.21 -21.93
C TYR E 92 27.20 -32.68 -21.57
N LYS E 93 28.31 -33.40 -21.80
CA LYS E 93 28.34 -34.85 -21.68
C LYS E 93 28.76 -35.30 -20.28
N TRP E 94 28.09 -36.31 -19.74
CA TRP E 94 28.45 -36.90 -18.45
C TRP E 94 29.59 -37.89 -18.64
N ASP E 95 30.73 -37.59 -18.01
CA ASP E 95 31.89 -38.48 -18.05
C ASP E 95 31.89 -39.30 -16.76
N PRO E 96 31.57 -40.61 -16.85
CA PRO E 96 31.54 -41.42 -15.65
C PRO E 96 32.96 -41.80 -15.23
N GLU E 97 33.12 -42.24 -13.99
CA GLU E 97 34.44 -42.66 -13.47
C GLU E 97 35.45 -41.52 -13.52
N TYR F 1 11.63 -15.16 9.11
CA TYR F 1 10.28 -14.60 8.80
C TYR F 1 10.41 -13.43 7.82
N PRO F 2 9.62 -13.45 6.72
CA PRO F 2 9.77 -12.38 5.71
C PRO F 2 9.21 -11.03 6.16
N TYR F 3 9.49 -9.99 5.36
CA TYR F 3 9.02 -8.63 5.62
C TYR F 3 8.01 -8.23 4.55
N LEU F 4 6.83 -7.81 4.99
CA LEU F 4 5.75 -7.43 4.07
C LEU F 4 5.99 -6.04 3.48
N GLY F 5 5.92 -5.94 2.15
CA GLY F 5 6.04 -4.67 1.46
C GLY F 5 7.47 -4.17 1.40
N PRO F 6 7.73 -2.92 1.84
CA PRO F 6 6.77 -1.95 2.41
C PRO F 6 5.78 -1.38 1.39
N ASN F 7 6.24 -1.08 0.19
CA ASN F 7 5.38 -0.51 -0.85
C ASN F 7 5.99 -0.69 -2.24
N THR F 8 5.28 -0.21 -3.27
CA THR F 8 5.77 -0.25 -4.65
C THR F 8 6.96 0.69 -4.85
N LEU F 9 7.59 0.60 -6.01
CA LEU F 9 8.74 1.44 -6.34
C LEU F 9 8.30 2.86 -6.71
#